data_8BV1
#
_entry.id   8BV1
#
_cell.length_a   123.885
_cell.length_b   123.885
_cell.length_c   179.308
_cell.angle_alpha   90
_cell.angle_beta   90
_cell.angle_gamma   90
#
_symmetry.space_group_name_H-M   'P 43'
#
loop_
_entity.id
_entity.type
_entity.pdbx_description
1 polymer 'Histone chaperone ASF1A'
2 polymer 'P4 peptide inhibitor of histone chaperone ASF1'
3 non-polymer GLYCEROL
4 water water
#
loop_
_entity_poly.entity_id
_entity_poly.type
_entity_poly.pdbx_seq_one_letter_code
_entity_poly.pdbx_strand_id
1 'polypeptide(L)'
;GAMAKVQVNNVVVLDNPSPFYNPFQFEITFECIEDLSEDLEWKIIYVGSAESEEYDQVLDSVLVGPVPAGRHMFVFQADA
PNPGLIPDADAVGVTVVLITCTYRGQEFIRVGYYVNNEYTETELRENPPVKPDFSKLQRNILASNPRVTRFHINWEDN
;
A,B,C,D,E,F
2 'polypeptide(L)' (ACE)EK(ALN)ARLARRIA(NH2) N,G,K,H,L,I
#
loop_
_chem_comp.id
_chem_comp.type
_chem_comp.name
_chem_comp.formula
ACE non-polymer 'ACETYL GROUP' 'C2 H4 O'
GOL non-polymer GLYCEROL 'C3 H8 O3'
NH2 non-polymer 'AMINO GROUP' 'H2 N'
#
# COMPACT_ATOMS: atom_id res chain seq x y z
N MET A 3 11.80 6.07 14.26
CA MET A 3 13.02 6.88 14.15
C MET A 3 13.40 7.21 12.70
N ALA A 4 13.85 6.22 11.87
CA ALA A 4 14.22 6.47 10.47
C ALA A 4 12.96 6.96 9.71
N LYS A 5 12.95 8.24 9.27
CA LYS A 5 11.78 8.81 8.60
C LYS A 5 11.54 8.22 7.21
N VAL A 6 12.60 7.77 6.49
CA VAL A 6 12.50 7.22 5.11
C VAL A 6 12.97 5.77 5.09
N GLN A 7 12.27 4.90 4.38
CA GLN A 7 12.66 3.51 4.27
C GLN A 7 12.63 3.11 2.81
N VAL A 8 13.75 2.67 2.22
CA VAL A 8 13.74 2.22 0.82
C VAL A 8 13.23 0.78 0.75
N ASN A 9 12.08 0.57 0.09
CA ASN A 9 11.43 -0.73 0.00
C ASN A 9 11.96 -1.61 -1.10
N ASN A 10 12.24 -1.04 -2.29
CA ASN A 10 12.67 -1.85 -3.42
C ASN A 10 13.37 -1.04 -4.48
N VAL A 11 14.29 -1.66 -5.24
CA VAL A 11 14.99 -1.07 -6.39
C VAL A 11 14.94 -2.11 -7.54
N VAL A 12 14.44 -1.71 -8.72
CA VAL A 12 14.35 -2.63 -9.85
C VAL A 12 15.27 -2.14 -10.97
N VAL A 13 16.15 -3.02 -11.48
CA VAL A 13 17.05 -2.62 -12.57
C VAL A 13 16.34 -2.74 -13.91
N LEU A 14 16.13 -1.60 -14.59
CA LEU A 14 15.45 -1.58 -15.88
C LEU A 14 16.46 -1.56 -17.05
N ASP A 15 16.02 -1.99 -18.26
CA ASP A 15 16.83 -1.99 -19.49
C ASP A 15 18.16 -2.71 -19.26
N ASN A 16 18.10 -3.99 -18.88
CA ASN A 16 19.32 -4.72 -18.56
C ASN A 16 19.35 -6.14 -19.09
N PRO A 17 20.45 -6.60 -19.72
CA PRO A 17 21.64 -5.83 -20.10
C PRO A 17 21.35 -4.83 -21.22
N SER A 18 22.27 -3.90 -21.44
CA SER A 18 22.10 -2.85 -22.42
C SER A 18 23.47 -2.38 -22.93
N PRO A 19 23.56 -1.68 -24.07
CA PRO A 19 24.84 -1.11 -24.49
C PRO A 19 25.41 -0.20 -23.42
N PHE A 20 26.75 -0.14 -23.30
CA PHE A 20 27.43 0.67 -22.29
C PHE A 20 26.88 2.09 -22.20
N TYR A 21 26.65 2.71 -23.36
CA TYR A 21 26.22 4.10 -23.47
C TYR A 21 24.77 4.39 -23.10
N ASN A 22 23.92 3.37 -22.93
CA ASN A 22 22.53 3.59 -22.53
C ASN A 22 22.53 4.13 -21.09
N PRO A 23 21.63 5.07 -20.78
CA PRO A 23 21.56 5.56 -19.40
C PRO A 23 21.06 4.47 -18.46
N PHE A 24 21.47 4.57 -17.19
CA PHE A 24 21.04 3.68 -16.14
C PHE A 24 19.59 3.98 -15.81
N GLN A 25 18.82 2.96 -15.45
CA GLN A 25 17.43 3.17 -15.09
C GLN A 25 17.08 2.29 -13.91
N PHE A 26 16.76 2.89 -12.77
CA PHE A 26 16.37 2.13 -11.59
C PHE A 26 14.99 2.59 -11.14
N GLU A 27 14.08 1.66 -10.93
CA GLU A 27 12.76 2.02 -10.43
C GLU A 27 12.85 1.90 -8.92
N ILE A 28 12.76 3.01 -8.20
CA ILE A 28 12.91 3.01 -6.75
C ILE A 28 11.59 3.19 -6.03
N THR A 29 11.32 2.39 -4.98
CA THR A 29 10.11 2.55 -4.16
C THR A 29 10.56 2.81 -2.74
N PHE A 30 10.02 3.86 -2.10
CA PHE A 30 10.34 4.20 -0.72
C PHE A 30 9.10 4.65 0.10
N GLU A 31 9.19 4.57 1.42
CA GLU A 31 8.10 4.97 2.30
C GLU A 31 8.55 6.12 3.19
N CYS A 32 7.70 7.12 3.38
CA CYS A 32 8.00 8.25 4.24
C CYS A 32 6.99 8.36 5.37
N ILE A 33 7.48 8.39 6.58
CA ILE A 33 6.71 8.37 7.81
C ILE A 33 5.93 9.66 8.08
N GLU A 34 6.53 10.80 7.83
CA GLU A 34 5.86 12.08 8.08
C GLU A 34 6.00 12.98 6.85
N ASP A 35 5.55 14.25 6.94
CA ASP A 35 5.78 15.19 5.83
C ASP A 35 7.21 15.69 6.06
N LEU A 36 8.18 14.94 5.50
CA LEU A 36 9.62 15.16 5.62
C LEU A 36 9.99 16.58 5.33
N SER A 37 10.61 17.26 6.32
CA SER A 37 10.93 18.68 6.21
C SER A 37 11.95 19.04 5.13
N GLU A 38 13.03 18.29 5.03
CA GLU A 38 14.04 18.57 4.02
C GLU A 38 13.96 17.62 2.81
N ASP A 39 14.66 17.96 1.73
CA ASP A 39 14.68 17.15 0.53
C ASP A 39 15.50 15.88 0.75
N LEU A 40 15.21 14.84 -0.02
CA LEU A 40 15.99 13.62 -0.07
C LEU A 40 16.89 13.78 -1.30
N GLU A 41 18.20 13.50 -1.16
CA GLU A 41 19.12 13.63 -2.28
C GLU A 41 19.53 12.25 -2.78
N TRP A 42 19.06 11.87 -3.96
CA TRP A 42 19.37 10.59 -4.54
C TRP A 42 20.52 10.71 -5.50
N LYS A 43 21.45 9.75 -5.47
CA LYS A 43 22.60 9.78 -6.36
C LYS A 43 22.84 8.42 -6.99
N ILE A 44 23.38 8.44 -8.21
CA ILE A 44 23.83 7.21 -8.86
C ILE A 44 25.31 7.45 -9.07
N ILE A 45 26.15 6.67 -8.44
CA ILE A 45 27.61 6.82 -8.52
C ILE A 45 28.24 5.62 -9.21
N TYR A 46 29.05 5.87 -10.23
CA TYR A 46 29.69 4.79 -10.97
C TYR A 46 31.11 4.64 -10.50
N VAL A 47 31.49 3.45 -10.03
CA VAL A 47 32.88 3.22 -9.63
C VAL A 47 33.74 3.01 -10.90
N GLY A 48 34.41 4.06 -11.35
CA GLY A 48 35.25 3.98 -12.54
C GLY A 48 36.49 3.13 -12.33
N SER A 49 37.00 3.11 -11.10
CA SER A 49 38.17 2.32 -10.78
C SER A 49 38.10 1.80 -9.37
N ALA A 50 38.10 0.48 -9.19
CA ALA A 50 38.15 -0.16 -7.89
C ALA A 50 39.37 0.30 -7.07
N GLU A 51 40.44 0.71 -7.74
CA GLU A 51 41.70 1.13 -7.13
C GLU A 51 41.57 2.44 -6.38
N SER A 52 40.75 3.36 -6.87
CA SER A 52 40.61 4.66 -6.24
C SER A 52 39.27 5.28 -6.37
N GLU A 53 38.84 5.90 -5.29
CA GLU A 53 37.58 6.62 -5.20
C GLU A 53 37.59 7.88 -6.10
N GLU A 54 38.77 8.39 -6.50
CA GLU A 54 38.89 9.54 -7.37
C GLU A 54 38.33 9.32 -8.76
N TYR A 55 38.17 8.06 -9.18
CA TYR A 55 37.64 7.75 -10.49
C TYR A 55 36.12 7.51 -10.47
N ASP A 56 35.44 7.82 -9.33
CA ASP A 56 34.00 7.72 -9.20
C ASP A 56 33.37 8.82 -10.01
N GLN A 57 32.27 8.51 -10.68
CA GLN A 57 31.54 9.50 -11.45
C GLN A 57 30.11 9.56 -10.93
N VAL A 58 29.68 10.72 -10.43
CA VAL A 58 28.32 10.88 -9.94
C VAL A 58 27.49 11.13 -11.18
N LEU A 59 26.85 10.07 -11.69
CA LEU A 59 26.07 10.13 -12.93
C LEU A 59 24.91 11.09 -12.86
N ASP A 60 24.27 11.22 -11.69
CA ASP A 60 23.22 12.20 -11.44
C ASP A 60 22.94 12.36 -9.96
N SER A 61 22.55 13.57 -9.57
CA SER A 61 22.22 13.90 -8.19
C SER A 61 20.87 14.63 -8.23
N VAL A 62 19.85 14.05 -7.60
CA VAL A 62 18.50 14.56 -7.68
C VAL A 62 17.94 14.90 -6.30
N LEU A 63 17.27 16.06 -6.19
CA LEU A 63 16.61 16.44 -4.94
C LEU A 63 15.11 16.19 -5.06
N VAL A 64 14.59 15.27 -4.26
CA VAL A 64 13.18 14.92 -4.25
C VAL A 64 12.50 15.54 -3.03
N GLY A 65 11.54 16.43 -3.25
CA GLY A 65 10.82 17.05 -2.14
C GLY A 65 10.10 18.34 -2.49
N PRO A 66 9.20 18.85 -1.61
CA PRO A 66 8.73 18.31 -0.32
C PRO A 66 8.21 16.89 -0.42
N VAL A 67 8.53 16.02 0.54
CA VAL A 67 8.01 14.65 0.48
C VAL A 67 6.84 14.53 1.42
N PRO A 68 5.62 14.33 0.88
CA PRO A 68 4.49 14.08 1.78
C PRO A 68 4.54 12.65 2.32
N ALA A 69 3.94 12.42 3.49
CA ALA A 69 3.95 11.10 4.11
C ALA A 69 3.26 10.07 3.22
N GLY A 70 3.87 8.90 3.06
CA GLY A 70 3.29 7.84 2.25
C GLY A 70 4.27 7.02 1.45
N ARG A 71 3.73 6.15 0.58
CA ARG A 71 4.56 5.30 -0.27
C ARG A 71 4.79 6.02 -1.61
N HIS A 72 6.03 6.06 -2.10
CA HIS A 72 6.34 6.75 -3.34
C HIS A 72 7.19 5.87 -4.24
N MET A 73 7.08 6.08 -5.54
CA MET A 73 7.88 5.33 -6.50
C MET A 73 8.24 6.22 -7.68
N PHE A 74 9.47 6.10 -8.18
CA PHE A 74 9.95 6.90 -9.30
C PHE A 74 11.05 6.16 -10.05
N VAL A 75 11.24 6.51 -11.33
CA VAL A 75 12.33 5.92 -12.12
C VAL A 75 13.51 6.92 -12.14
N PHE A 76 14.61 6.53 -11.51
CA PHE A 76 15.81 7.35 -11.48
C PHE A 76 16.65 7.02 -12.71
N GLN A 77 16.74 7.97 -13.65
CA GLN A 77 17.53 7.76 -14.85
C GLN A 77 18.78 8.65 -14.82
N ALA A 78 19.93 8.10 -15.23
CA ALA A 78 21.18 8.85 -15.21
C ALA A 78 22.04 8.45 -16.41
N ASP A 79 22.64 9.42 -17.11
CA ASP A 79 23.47 9.15 -18.26
C ASP A 79 24.66 8.26 -17.94
N ALA A 80 25.08 7.44 -18.90
CA ALA A 80 26.19 6.51 -18.73
C ALA A 80 27.48 7.25 -18.42
N PRO A 81 28.44 6.60 -17.71
CA PRO A 81 29.69 7.31 -17.36
C PRO A 81 30.49 7.75 -18.56
N ASN A 82 31.34 8.76 -18.34
CA ASN A 82 32.21 9.30 -19.36
C ASN A 82 33.38 8.33 -19.47
N PRO A 83 33.53 7.65 -20.62
CA PRO A 83 34.63 6.69 -20.74
C PRO A 83 36.02 7.32 -20.66
N GLY A 84 36.11 8.61 -21.00
CA GLY A 84 37.35 9.34 -20.95
C GLY A 84 37.97 9.47 -19.57
N LEU A 85 37.20 9.18 -18.53
CA LEU A 85 37.70 9.24 -17.17
C LEU A 85 37.92 7.82 -16.57
N ILE A 86 37.62 6.75 -17.32
CA ILE A 86 37.78 5.41 -16.83
C ILE A 86 39.15 4.84 -17.25
N PRO A 87 39.95 4.39 -16.26
CA PRO A 87 41.21 3.72 -16.59
C PRO A 87 40.92 2.49 -17.45
N ASP A 88 41.65 2.31 -18.56
CA ASP A 88 41.47 1.20 -19.50
C ASP A 88 41.41 -0.15 -18.77
N ALA A 89 42.31 -0.37 -17.79
CA ALA A 89 42.36 -1.63 -17.06
C ALA A 89 41.08 -1.98 -16.34
N ASP A 90 40.27 -0.99 -15.98
CA ASP A 90 39.03 -1.20 -15.27
C ASP A 90 37.79 -1.13 -16.16
N ALA A 91 37.95 -0.77 -17.45
CA ALA A 91 36.83 -0.64 -18.39
C ALA A 91 36.08 -1.93 -18.65
N VAL A 92 36.79 -3.03 -18.95
CA VAL A 92 36.17 -4.32 -19.23
C VAL A 92 36.19 -5.24 -18.00
N GLY A 93 35.08 -5.88 -17.72
CA GLY A 93 34.93 -6.77 -16.56
C GLY A 93 34.08 -6.16 -15.47
N VAL A 94 34.17 -6.74 -14.26
CA VAL A 94 33.37 -6.30 -13.12
C VAL A 94 33.80 -4.98 -12.53
N THR A 95 32.81 -4.15 -12.20
CA THR A 95 32.85 -2.91 -11.44
C THR A 95 31.54 -2.80 -10.62
N VAL A 96 31.24 -1.64 -9.99
CA VAL A 96 30.09 -1.47 -9.15
C VAL A 96 29.43 -0.13 -9.52
N VAL A 97 28.10 -0.12 -9.49
CA VAL A 97 27.31 1.10 -9.58
C VAL A 97 26.58 1.19 -8.20
N LEU A 98 26.53 2.39 -7.62
CA LEU A 98 25.91 2.62 -6.32
C LEU A 98 24.72 3.54 -6.47
N ILE A 99 23.69 3.34 -5.68
CA ILE A 99 22.50 4.22 -5.62
C ILE A 99 22.42 4.60 -4.17
N THR A 100 22.61 5.89 -3.86
CA THR A 100 22.60 6.31 -2.47
C THR A 100 21.53 7.34 -2.21
N CYS A 101 21.08 7.43 -0.96
CA CYS A 101 20.17 8.47 -0.59
C CYS A 101 20.70 9.17 0.64
N THR A 102 20.54 10.50 0.68
CA THR A 102 21.13 11.33 1.72
C THR A 102 20.13 12.31 2.25
N TYR A 103 20.03 12.43 3.57
CA TYR A 103 19.10 13.37 4.18
C TYR A 103 19.90 14.29 5.06
N ARG A 104 19.73 15.61 4.91
CA ARG A 104 20.47 16.60 5.68
C ARG A 104 21.99 16.39 5.56
N GLY A 105 22.46 15.99 4.38
CA GLY A 105 23.90 15.77 4.19
C GLY A 105 24.46 14.48 4.77
N GLN A 106 23.58 13.62 5.32
CA GLN A 106 23.97 12.33 5.88
C GLN A 106 23.42 11.18 5.01
N GLU A 107 24.30 10.36 4.44
CA GLU A 107 23.89 9.22 3.63
C GLU A 107 23.30 8.16 4.57
N PHE A 108 22.08 7.71 4.28
CA PHE A 108 21.42 6.71 5.12
C PHE A 108 21.22 5.35 4.46
N ILE A 109 21.36 5.28 3.13
CA ILE A 109 21.24 4.02 2.40
C ILE A 109 22.15 4.02 1.20
N ARG A 110 22.75 2.84 0.92
CA ARG A 110 23.60 2.62 -0.22
C ARG A 110 23.22 1.28 -0.80
N VAL A 111 22.68 1.26 -2.02
CA VAL A 111 22.33 0.04 -2.71
C VAL A 111 23.39 -0.14 -3.80
N GLY A 112 24.12 -1.25 -3.76
CA GLY A 112 25.16 -1.48 -4.74
C GLY A 112 24.85 -2.64 -5.63
N TYR A 113 25.28 -2.54 -6.89
CA TYR A 113 25.10 -3.60 -7.86
C TYR A 113 26.43 -3.86 -8.54
N TYR A 114 26.83 -5.12 -8.69
CA TYR A 114 28.04 -5.44 -9.43
C TYR A 114 27.65 -5.33 -10.91
N VAL A 115 28.49 -4.75 -11.74
CA VAL A 115 28.23 -4.52 -13.16
C VAL A 115 29.33 -5.18 -13.94
N ASN A 116 29.01 -5.99 -14.96
CA ASN A 116 30.05 -6.64 -15.75
C ASN A 116 29.97 -6.14 -17.18
N ASN A 117 30.98 -5.36 -17.61
CA ASN A 117 31.05 -4.81 -18.95
C ASN A 117 31.79 -5.82 -19.84
N GLU A 118 31.16 -6.29 -20.91
CA GLU A 118 31.72 -7.34 -21.77
C GLU A 118 31.45 -7.08 -23.25
N TYR A 119 32.40 -7.47 -24.13
CA TYR A 119 32.15 -7.30 -25.55
C TYR A 119 31.10 -8.31 -26.00
N THR A 120 30.32 -7.95 -27.01
CA THR A 120 29.26 -8.81 -27.52
C THR A 120 29.75 -9.69 -28.65
N GLU A 121 30.77 -9.25 -29.42
CA GLU A 121 31.31 -10.08 -30.49
C GLU A 121 32.30 -11.07 -29.90
N THR A 122 32.25 -12.32 -30.36
CA THR A 122 33.16 -13.37 -29.87
C THR A 122 34.62 -13.02 -30.08
N GLU A 123 35.00 -12.52 -31.28
CA GLU A 123 36.38 -12.14 -31.54
C GLU A 123 36.89 -11.10 -30.55
N LEU A 124 36.08 -10.09 -30.22
CA LEU A 124 36.47 -9.07 -29.28
C LEU A 124 36.53 -9.60 -27.87
N ARG A 125 35.66 -10.55 -27.50
CA ARG A 125 35.67 -11.14 -26.16
C ARG A 125 37.00 -11.88 -25.94
N GLU A 126 37.45 -12.63 -26.95
CA GLU A 126 38.66 -13.42 -26.84
C GLU A 126 39.93 -12.61 -27.11
N ASN A 127 39.83 -11.57 -27.94
CA ASN A 127 40.97 -10.71 -28.28
C ASN A 127 40.57 -9.25 -28.08
N PRO A 128 40.45 -8.79 -26.82
CA PRO A 128 40.01 -7.42 -26.59
C PRO A 128 40.96 -6.37 -27.17
N PRO A 129 40.39 -5.26 -27.69
CA PRO A 129 41.23 -4.18 -28.21
C PRO A 129 42.21 -3.62 -27.19
N VAL A 130 43.31 -3.03 -27.65
CA VAL A 130 44.32 -2.45 -26.76
C VAL A 130 43.71 -1.32 -25.95
N LYS A 131 42.90 -0.48 -26.59
CA LYS A 131 42.19 0.59 -25.93
C LYS A 131 40.72 0.16 -25.99
N PRO A 132 40.03 0.12 -24.84
CA PRO A 132 38.63 -0.34 -24.83
C PRO A 132 37.74 0.39 -25.81
N ASP A 133 36.81 -0.34 -26.43
CA ASP A 133 35.86 0.22 -27.39
C ASP A 133 34.51 0.22 -26.72
N PHE A 134 34.17 1.31 -26.04
CA PHE A 134 32.92 1.42 -25.30
C PHE A 134 31.68 1.32 -26.16
N SER A 135 31.79 1.57 -27.47
CA SER A 135 30.64 1.41 -28.36
C SER A 135 30.32 -0.07 -28.63
N LYS A 136 31.24 -1.00 -28.32
CA LYS A 136 31.03 -2.43 -28.51
C LYS A 136 30.84 -3.17 -27.16
N LEU A 137 30.86 -2.44 -26.02
CA LEU A 137 30.69 -3.04 -24.70
C LEU A 137 29.23 -3.10 -24.33
N GLN A 138 28.86 -4.18 -23.67
CA GLN A 138 27.53 -4.37 -23.14
C GLN A 138 27.66 -4.34 -21.64
N ARG A 139 26.73 -3.64 -20.98
CA ARG A 139 26.70 -3.54 -19.53
C ARG A 139 25.74 -4.56 -19.02
N ASN A 140 26.24 -5.56 -18.30
CA ASN A 140 25.37 -6.57 -17.71
C ASN A 140 25.38 -6.39 -16.18
N ILE A 141 24.37 -5.69 -15.62
CA ILE A 141 24.27 -5.46 -14.18
C ILE A 141 23.81 -6.76 -13.53
N LEU A 142 24.51 -7.24 -12.47
CA LEU A 142 24.14 -8.47 -11.79
C LEU A 142 23.00 -8.15 -10.83
N ALA A 143 21.80 -7.96 -11.41
CA ALA A 143 20.59 -7.48 -10.75
C ALA A 143 19.92 -8.48 -9.86
N SER A 144 20.25 -9.77 -9.96
CA SER A 144 19.66 -10.76 -9.04
C SER A 144 20.33 -10.72 -7.67
N ASN A 145 21.46 -10.01 -7.51
CA ASN A 145 22.19 -9.94 -6.25
C ASN A 145 22.51 -8.50 -5.82
N PRO A 146 21.49 -7.75 -5.39
CA PRO A 146 21.75 -6.38 -4.91
C PRO A 146 22.30 -6.42 -3.50
N ARG A 147 23.06 -5.40 -3.18
CA ARG A 147 23.64 -5.25 -1.87
C ARG A 147 23.01 -4.03 -1.23
N VAL A 148 22.35 -4.17 -0.08
CA VAL A 148 21.77 -3.00 0.60
C VAL A 148 22.51 -2.74 1.89
N THR A 149 22.96 -1.51 2.13
CA THR A 149 23.62 -1.15 3.38
C THR A 149 22.90 0.07 3.93
N ARG A 150 22.47 0.01 5.18
CA ARG A 150 21.78 1.14 5.82
C ARG A 150 22.70 1.73 6.89
N PHE A 151 22.64 3.06 7.08
CA PHE A 151 23.45 3.75 8.07
C PHE A 151 22.59 4.56 9.02
N HIS A 152 23.00 4.66 10.27
CA HIS A 152 22.29 5.44 11.27
C HIS A 152 22.58 6.92 11.07
N ILE A 153 21.53 7.72 10.89
CA ILE A 153 21.69 9.17 10.71
C ILE A 153 20.81 9.94 11.71
N ASN A 154 20.98 11.27 11.80
CA ASN A 154 20.17 12.13 12.65
C ASN A 154 19.00 12.65 11.82
N TRP A 155 17.79 12.16 12.12
CA TRP A 155 16.60 12.58 11.38
C TRP A 155 15.89 13.78 12.01
N GLU A 156 16.28 14.16 13.23
CA GLU A 156 15.63 15.21 14.00
C GLU A 156 15.92 16.60 13.48
N ASP A 157 14.96 17.55 13.58
CA ASP A 157 15.16 18.89 13.01
C ASP A 157 15.39 19.99 14.06
N ALA B 4 -9.80 -4.94 -2.58
CA ALA B 4 -10.45 -4.51 -1.33
C ALA B 4 -11.97 -4.69 -1.40
N LYS B 5 -12.62 -5.02 -0.27
CA LYS B 5 -14.07 -5.22 -0.27
C LYS B 5 -14.85 -4.00 0.19
N VAL B 6 -14.20 -3.04 0.88
CA VAL B 6 -14.88 -1.86 1.37
C VAL B 6 -14.16 -0.64 0.86
N GLN B 7 -14.90 0.32 0.34
CA GLN B 7 -14.33 1.54 -0.17
C GLN B 7 -15.04 2.73 0.46
N VAL B 8 -14.34 3.59 1.21
CA VAL B 8 -14.99 4.75 1.82
C VAL B 8 -15.08 5.85 0.78
N ASN B 9 -16.31 6.25 0.41
CA ASN B 9 -16.56 7.29 -0.59
C ASN B 9 -16.52 8.72 -0.07
N ASN B 10 -17.31 9.04 0.96
CA ASN B 10 -17.35 10.39 1.50
C ASN B 10 -17.46 10.35 3.00
N VAL B 11 -16.97 11.41 3.66
CA VAL B 11 -17.07 11.70 5.10
C VAL B 11 -17.56 13.17 5.15
N VAL B 12 -18.63 13.46 5.90
CA VAL B 12 -19.14 14.82 6.00
C VAL B 12 -19.03 15.27 7.45
N VAL B 13 -18.36 16.39 7.71
CA VAL B 13 -18.25 16.87 9.09
C VAL B 13 -19.52 17.66 9.48
N LEU B 14 -20.30 17.15 10.42
CA LEU B 14 -21.53 17.80 10.85
C LEU B 14 -21.31 18.65 12.11
N ASP B 15 -22.21 19.64 12.37
CA ASP B 15 -22.18 20.51 13.55
C ASP B 15 -20.79 21.15 13.69
N ASN B 16 -20.35 21.89 12.68
CA ASN B 16 -19.01 22.47 12.70
C ASN B 16 -18.96 23.90 12.18
N PRO B 17 -18.27 24.83 12.87
CA PRO B 17 -17.65 24.68 14.19
C PRO B 17 -18.69 24.53 15.31
N SER B 18 -18.25 24.09 16.47
CA SER B 18 -19.13 23.83 17.60
C SER B 18 -18.38 24.01 18.89
N PRO B 19 -19.05 24.26 20.04
CA PRO B 19 -18.30 24.29 21.32
C PRO B 19 -17.47 23.01 21.50
N PHE B 20 -16.30 23.12 22.13
CA PHE B 20 -15.39 22.00 22.39
C PHE B 20 -16.12 20.75 22.90
N TYR B 21 -17.03 20.95 23.86
CA TYR B 21 -17.76 19.89 24.53
C TYR B 21 -18.83 19.16 23.70
N ASN B 22 -19.24 19.71 22.54
CA ASN B 22 -20.22 19.03 21.70
C ASN B 22 -19.60 17.74 21.16
N PRO B 23 -20.39 16.65 21.06
CA PRO B 23 -19.84 15.42 20.48
C PRO B 23 -19.53 15.59 18.99
N PHE B 24 -18.56 14.82 18.52
CA PHE B 24 -18.17 14.80 17.11
C PHE B 24 -19.25 14.11 16.32
N GLN B 25 -19.48 14.57 15.09
CA GLN B 25 -20.49 13.95 14.24
C GLN B 25 -19.98 13.89 12.83
N PHE B 26 -19.79 12.66 12.31
CA PHE B 26 -19.36 12.49 10.94
C PHE B 26 -20.37 11.64 10.21
N GLU B 27 -20.87 12.09 9.06
CA GLU B 27 -21.78 11.28 8.23
C GLU B 27 -20.88 10.51 7.25
N ILE B 28 -20.70 9.21 7.45
CA ILE B 28 -19.79 8.40 6.64
C ILE B 28 -20.53 7.61 5.59
N THR B 29 -20.04 7.65 4.36
CA THR B 29 -20.62 6.90 3.24
C THR B 29 -19.59 5.96 2.65
N PHE B 30 -19.90 4.67 2.59
CA PHE B 30 -18.98 3.67 2.06
C PHE B 30 -19.71 2.66 1.14
N GLU B 31 -18.96 2.01 0.27
CA GLU B 31 -19.52 1.05 -0.66
C GLU B 31 -18.82 -0.28 -0.49
N CYS B 32 -19.59 -1.33 -0.35
CA CYS B 32 -19.10 -2.67 -0.13
C CYS B 32 -19.20 -3.46 -1.44
N ILE B 33 -18.07 -3.80 -2.02
CA ILE B 33 -18.00 -4.53 -3.28
C ILE B 33 -18.53 -5.96 -3.10
N GLU B 34 -18.04 -6.67 -2.08
CA GLU B 34 -18.48 -8.03 -1.80
C GLU B 34 -18.94 -8.14 -0.35
N ASP B 35 -19.91 -9.02 -0.02
CA ASP B 35 -20.42 -9.20 1.36
C ASP B 35 -19.29 -9.45 2.34
N LEU B 36 -19.26 -8.73 3.48
CA LEU B 36 -18.27 -9.04 4.50
C LEU B 36 -18.81 -10.17 5.38
N SER B 37 -17.91 -10.96 5.92
CA SER B 37 -18.21 -12.06 6.82
C SER B 37 -18.13 -11.64 8.31
N GLU B 38 -18.02 -10.34 8.59
CA GLU B 38 -17.82 -9.80 9.93
C GLU B 38 -18.18 -8.30 9.95
N ASP B 39 -18.25 -7.70 11.13
CA ASP B 39 -18.53 -6.27 11.26
C ASP B 39 -17.28 -5.39 11.06
N LEU B 40 -17.49 -4.18 10.53
CA LEU B 40 -16.41 -3.22 10.36
C LEU B 40 -16.27 -2.50 11.70
N GLU B 41 -15.01 -2.26 12.16
CA GLU B 41 -14.82 -1.59 13.43
C GLU B 41 -14.38 -0.16 13.23
N TRP B 42 -15.27 0.80 13.51
CA TRP B 42 -14.99 2.21 13.29
C TRP B 42 -14.56 2.84 14.59
N LYS B 43 -13.55 3.71 14.54
CA LYS B 43 -13.05 4.38 15.73
C LYS B 43 -12.89 5.86 15.46
N ILE B 44 -13.06 6.69 16.49
CA ILE B 44 -12.77 8.11 16.40
C ILE B 44 -11.72 8.31 17.48
N ILE B 45 -10.48 8.64 17.13
CA ILE B 45 -9.40 8.84 18.11
C ILE B 45 -8.98 10.29 18.11
N TYR B 46 -8.96 10.92 19.28
CA TYR B 46 -8.59 12.31 19.43
C TYR B 46 -7.10 12.38 19.76
N VAL B 47 -6.30 13.10 18.95
CA VAL B 47 -4.88 13.26 19.29
C VAL B 47 -4.78 14.36 20.40
N GLY B 48 -4.81 13.95 21.66
CA GLY B 48 -4.71 14.88 22.76
C GLY B 48 -3.43 15.69 22.75
N SER B 49 -2.32 15.04 22.32
CA SER B 49 -1.02 15.69 22.21
C SER B 49 -0.22 15.21 20.99
N ALA B 50 0.20 16.18 20.16
CA ALA B 50 1.05 15.92 19.01
C ALA B 50 2.39 15.31 19.43
N GLU B 51 2.87 15.68 20.60
CA GLU B 51 4.15 15.26 21.18
C GLU B 51 4.20 13.79 21.52
N SER B 52 3.08 13.22 22.00
CA SER B 52 3.06 11.81 22.35
C SER B 52 1.74 11.13 22.10
N GLU B 53 1.85 9.91 21.58
CA GLU B 53 0.73 9.03 21.32
C GLU B 53 0.04 8.59 22.63
N GLU B 54 0.71 8.77 23.77
CA GLU B 54 0.17 8.42 25.06
C GLU B 54 -1.08 9.23 25.43
N TYR B 55 -1.25 10.42 24.83
CA TYR B 55 -2.35 11.31 25.16
C TYR B 55 -3.54 11.19 24.20
N ASP B 56 -3.54 10.20 23.28
CA ASP B 56 -4.65 9.91 22.40
C ASP B 56 -5.83 9.43 23.23
N GLN B 57 -7.07 9.79 22.85
CA GLN B 57 -8.29 9.34 23.51
C GLN B 57 -9.21 8.71 22.45
N VAL B 58 -9.56 7.42 22.61
CA VAL B 58 -10.46 6.76 21.69
C VAL B 58 -11.84 7.19 22.12
N LEU B 59 -12.41 8.20 21.45
CA LEU B 59 -13.72 8.76 21.76
C LEU B 59 -14.84 7.74 21.65
N ASP B 60 -14.77 6.81 20.69
CA ASP B 60 -15.72 5.70 20.55
C ASP B 60 -15.19 4.63 19.61
N SER B 61 -15.59 3.36 19.85
CA SER B 61 -15.23 2.23 19.00
C SER B 61 -16.53 1.48 18.71
N VAL B 62 -16.91 1.40 17.43
CA VAL B 62 -18.20 0.85 17.04
C VAL B 62 -18.08 -0.31 16.05
N LEU B 63 -18.91 -1.35 16.23
CA LEU B 63 -18.97 -2.47 15.27
C LEU B 63 -20.23 -2.34 14.41
N VAL B 64 -20.05 -2.13 13.11
CA VAL B 64 -21.15 -1.94 12.17
C VAL B 64 -21.36 -3.17 11.33
N GLY B 65 -22.58 -3.67 11.33
CA GLY B 65 -22.91 -4.84 10.54
C GLY B 65 -24.23 -5.48 10.89
N PRO B 66 -24.62 -6.56 10.18
CA PRO B 66 -23.94 -7.23 9.05
C PRO B 66 -23.71 -6.28 7.87
N VAL B 67 -22.64 -6.49 7.08
CA VAL B 67 -22.39 -5.61 5.93
C VAL B 67 -22.58 -6.30 4.57
N PRO B 68 -23.77 -6.20 3.96
CA PRO B 68 -23.95 -6.76 2.61
C PRO B 68 -23.38 -5.83 1.53
N ALA B 69 -23.20 -6.34 0.32
CA ALA B 69 -22.66 -5.55 -0.79
C ALA B 69 -23.59 -4.40 -1.15
N GLY B 70 -23.03 -3.22 -1.38
CA GLY B 70 -23.81 -2.05 -1.73
C GLY B 70 -23.39 -0.76 -1.03
N ARG B 71 -24.16 0.32 -1.23
CA ARG B 71 -23.86 1.63 -0.67
C ARG B 71 -24.50 1.78 0.73
N HIS B 72 -23.69 2.17 1.75
CA HIS B 72 -24.18 2.34 3.12
C HIS B 72 -23.81 3.70 3.64
N MET B 73 -24.61 4.22 4.57
CA MET B 73 -24.32 5.51 5.19
C MET B 73 -24.79 5.52 6.62
N PHE B 74 -24.02 6.14 7.50
CA PHE B 74 -24.37 6.26 8.90
C PHE B 74 -23.73 7.49 9.56
N VAL B 75 -24.34 7.98 10.65
CA VAL B 75 -23.76 9.11 11.38
C VAL B 75 -22.99 8.58 12.61
N PHE B 76 -21.65 8.69 12.57
CA PHE B 76 -20.80 8.25 13.67
C PHE B 76 -20.72 9.40 14.66
N GLN B 77 -21.34 9.24 15.83
CA GLN B 77 -21.28 10.25 16.87
C GLN B 77 -20.43 9.75 18.04
N ALA B 78 -19.56 10.62 18.58
CA ALA B 78 -18.67 10.25 19.70
C ALA B 78 -18.50 11.43 20.61
N ASP B 79 -18.58 11.21 21.92
CA ASP B 79 -18.42 12.27 22.92
C ASP B 79 -17.07 12.98 22.83
N ALA B 80 -17.06 14.28 23.15
CA ALA B 80 -15.86 15.10 23.13
C ALA B 80 -14.78 14.55 24.08
N PRO B 81 -13.49 14.78 23.81
CA PRO B 81 -12.45 14.27 24.71
C PRO B 81 -12.49 14.84 26.12
N ASN B 82 -11.88 14.13 27.04
CA ASN B 82 -11.80 14.52 28.46
C ASN B 82 -10.68 15.54 28.56
N PRO B 83 -11.00 16.79 28.91
CA PRO B 83 -9.96 17.83 28.96
C PRO B 83 -8.90 17.57 30.04
N GLY B 84 -9.26 16.82 31.05
CA GLY B 84 -8.35 16.47 32.14
C GLY B 84 -7.17 15.64 31.72
N LEU B 85 -7.19 15.07 30.52
CA LEU B 85 -6.07 14.29 30.01
C LEU B 85 -5.32 15.02 28.90
N ILE B 86 -5.72 16.25 28.53
CA ILE B 86 -5.05 17.01 27.48
C ILE B 86 -4.02 17.97 28.07
N PRO B 87 -2.75 17.86 27.64
CA PRO B 87 -1.72 18.80 28.11
C PRO B 87 -2.13 20.22 27.74
N ASP B 88 -2.06 21.18 28.69
CA ASP B 88 -2.48 22.56 28.47
C ASP B 88 -1.87 23.17 27.20
N ALA B 89 -0.57 22.93 26.95
CA ALA B 89 0.12 23.45 25.77
C ALA B 89 -0.48 23.01 24.47
N ASP B 90 -1.18 21.86 24.44
CA ASP B 90 -1.80 21.32 23.23
C ASP B 90 -3.30 21.57 23.16
N ALA B 91 -3.92 22.16 24.21
CA ALA B 91 -5.35 22.41 24.23
C ALA B 91 -5.81 23.45 23.20
N VAL B 92 -5.13 24.60 23.10
CA VAL B 92 -5.51 25.67 22.18
C VAL B 92 -4.63 25.64 20.93
N GLY B 93 -5.28 25.79 19.77
CA GLY B 93 -4.64 25.73 18.47
C GLY B 93 -4.89 24.41 17.77
N VAL B 94 -4.08 24.12 16.73
CA VAL B 94 -4.24 22.91 15.93
C VAL B 94 -3.84 21.62 16.64
N THR B 95 -4.62 20.59 16.38
CA THR B 95 -4.47 19.18 16.73
C THR B 95 -5.15 18.34 15.57
N VAL B 96 -5.41 17.03 15.75
CA VAL B 96 -5.96 16.15 14.73
C VAL B 96 -6.97 15.25 15.43
N VAL B 97 -8.05 14.93 14.70
CA VAL B 97 -9.00 13.90 15.08
C VAL B 97 -8.87 12.86 13.96
N LEU B 98 -8.84 11.56 14.32
CA LEU B 98 -8.74 10.48 13.34
C LEU B 98 -10.01 9.65 13.30
N ILE B 99 -10.42 9.17 12.12
CA ILE B 99 -11.55 8.26 11.96
C ILE B 99 -10.94 7.06 11.30
N THR B 100 -10.90 5.91 11.95
CA THR B 100 -10.29 4.72 11.35
C THR B 100 -11.26 3.60 11.18
N CYS B 101 -11.07 2.78 10.16
CA CYS B 101 -11.92 1.60 9.99
C CYS B 101 -11.01 0.39 9.94
N THR B 102 -11.34 -0.62 10.74
CA THR B 102 -10.56 -1.84 10.85
C THR B 102 -11.42 -3.02 10.41
N TYR B 103 -10.81 -4.00 9.74
CA TYR B 103 -11.49 -5.22 9.35
C TYR B 103 -10.62 -6.41 9.69
N ARG B 104 -11.17 -7.43 10.35
CA ARG B 104 -10.43 -8.61 10.81
C ARG B 104 -9.17 -8.22 11.62
N GLY B 105 -9.31 -7.21 12.46
CA GLY B 105 -8.21 -6.75 13.29
C GLY B 105 -7.20 -5.84 12.60
N GLN B 106 -7.31 -5.68 11.28
CA GLN B 106 -6.36 -4.87 10.52
C GLN B 106 -6.94 -3.56 10.00
N GLU B 107 -6.42 -2.40 10.44
CA GLU B 107 -6.86 -1.07 9.99
C GLU B 107 -6.58 -0.89 8.49
N PHE B 108 -7.61 -0.53 7.72
CA PHE B 108 -7.46 -0.35 6.27
C PHE B 108 -7.63 1.10 5.79
N ILE B 109 -8.21 1.98 6.64
CA ILE B 109 -8.38 3.38 6.25
C ILE B 109 -8.30 4.26 7.47
N ARG B 110 -7.63 5.42 7.33
CA ARG B 110 -7.48 6.41 8.39
C ARG B 110 -7.76 7.75 7.77
N VAL B 111 -8.85 8.40 8.19
CA VAL B 111 -9.25 9.72 7.68
C VAL B 111 -8.90 10.68 8.80
N GLY B 112 -8.02 11.62 8.55
CA GLY B 112 -7.62 12.58 9.56
C GLY B 112 -8.10 13.97 9.22
N TYR B 113 -8.49 14.72 10.23
CA TYR B 113 -8.91 16.10 10.06
C TYR B 113 -8.11 16.93 11.04
N TYR B 114 -7.56 18.07 10.60
CA TYR B 114 -6.87 18.97 11.49
C TYR B 114 -7.98 19.74 12.20
N VAL B 115 -7.86 19.94 13.50
CA VAL B 115 -8.86 20.60 14.33
C VAL B 115 -8.23 21.80 14.97
N ASN B 116 -8.83 22.99 14.89
CA ASN B 116 -8.26 24.18 15.52
C ASN B 116 -9.18 24.66 16.64
N ASN B 117 -8.77 24.47 17.91
CA ASN B 117 -9.56 24.91 19.06
C ASN B 117 -9.15 26.37 19.34
N GLU B 118 -10.14 27.26 19.37
CA GLU B 118 -9.91 28.70 19.50
C GLU B 118 -10.94 29.33 20.41
N TYR B 119 -10.54 30.35 21.19
CA TYR B 119 -11.51 31.06 22.00
C TYR B 119 -12.39 31.91 21.10
N THR B 120 -13.63 32.11 21.49
CA THR B 120 -14.59 32.89 20.70
C THR B 120 -14.58 34.37 21.08
N GLU B 121 -14.23 34.69 22.34
CA GLU B 121 -14.14 36.09 22.78
C GLU B 121 -12.81 36.66 22.31
N THR B 122 -12.81 37.89 21.80
CA THR B 122 -11.59 38.55 21.32
C THR B 122 -10.55 38.69 22.43
N GLU B 123 -10.96 39.12 23.62
CA GLU B 123 -10.05 39.26 24.75
C GLU B 123 -9.33 37.96 25.08
N LEU B 124 -10.06 36.82 25.08
CA LEU B 124 -9.47 35.53 25.36
C LEU B 124 -8.58 35.07 24.24
N ARG B 125 -8.90 35.40 22.98
CA ARG B 125 -8.07 35.01 21.83
C ARG B 125 -6.69 35.68 21.95
N GLU B 126 -6.67 36.96 22.30
CA GLU B 126 -5.44 37.71 22.40
C GLU B 126 -4.71 37.54 23.72
N ASN B 127 -5.45 37.26 24.80
CA ASN B 127 -4.87 37.04 26.13
C ASN B 127 -5.42 35.73 26.70
N PRO B 128 -4.95 34.56 26.19
CA PRO B 128 -5.51 33.29 26.68
C PRO B 128 -5.26 33.01 28.15
N PRO B 129 -6.23 32.35 28.81
CA PRO B 129 -6.04 31.99 30.22
C PRO B 129 -4.80 31.11 30.46
N VAL B 130 -4.28 31.14 31.69
CA VAL B 130 -3.10 30.35 32.06
C VAL B 130 -3.41 28.87 31.92
N LYS B 131 -4.57 28.45 32.38
CA LYS B 131 -5.05 27.10 32.25
C LYS B 131 -6.20 27.20 31.28
N PRO B 132 -6.19 26.39 30.22
CA PRO B 132 -7.25 26.47 29.20
C PRO B 132 -8.66 26.34 29.79
N ASP B 133 -9.58 27.11 29.21
CA ASP B 133 -10.98 27.10 29.61
C ASP B 133 -11.76 26.43 28.49
N PHE B 134 -11.90 25.11 28.56
CA PHE B 134 -12.59 24.33 27.54
C PHE B 134 -14.06 24.72 27.34
N SER B 135 -14.67 25.37 28.33
CA SER B 135 -16.04 25.84 28.19
C SER B 135 -16.13 27.08 27.29
N LYS B 136 -15.01 27.78 27.03
CA LYS B 136 -15.01 28.95 26.14
C LYS B 136 -14.30 28.66 24.80
N LEU B 137 -13.78 27.43 24.61
CA LEU B 137 -13.10 27.00 23.40
C LEU B 137 -14.10 26.50 22.36
N GLN B 138 -13.88 26.87 21.10
CA GLN B 138 -14.67 26.43 19.98
C GLN B 138 -13.81 25.51 19.16
N ARG B 139 -14.38 24.42 18.67
CA ARG B 139 -13.66 23.46 17.85
C ARG B 139 -13.96 23.75 16.41
N ASN B 140 -12.97 24.26 15.63
CA ASN B 140 -13.22 24.50 14.20
C ASN B 140 -12.44 23.46 13.42
N ILE B 141 -13.09 22.33 13.02
CA ILE B 141 -12.45 21.23 12.26
C ILE B 141 -12.20 21.75 10.86
N LEU B 142 -10.98 21.60 10.33
CA LEU B 142 -10.66 22.08 8.98
C LEU B 142 -11.19 21.04 7.98
N ALA B 143 -12.50 21.02 7.79
CA ALA B 143 -13.23 20.03 7.04
C ALA B 143 -13.10 20.11 5.54
N SER B 144 -12.59 21.23 4.99
CA SER B 144 -12.37 21.29 3.54
C SER B 144 -11.10 20.55 3.15
N ASN B 145 -10.23 20.16 4.10
CA ASN B 145 -8.97 19.47 3.81
C ASN B 145 -8.81 18.17 4.61
N PRO B 146 -9.57 17.12 4.24
CA PRO B 146 -9.37 15.83 4.90
C PRO B 146 -8.13 15.15 4.35
N ARG B 147 -7.43 14.45 5.20
CA ARG B 147 -6.28 13.68 4.78
C ARG B 147 -6.67 12.20 4.90
N VAL B 148 -6.64 11.47 3.79
CA VAL B 148 -7.05 10.08 3.79
C VAL B 148 -5.89 9.16 3.48
N THR B 149 -5.67 8.17 4.34
CA THR B 149 -4.60 7.20 4.13
C THR B 149 -5.20 5.80 4.07
N ARG B 150 -4.93 5.05 3.02
CA ARG B 150 -5.44 3.69 2.88
C ARG B 150 -4.28 2.67 3.06
N PHE B 151 -4.57 1.53 3.67
CA PHE B 151 -3.58 0.49 3.92
C PHE B 151 -4.02 -0.83 3.29
N HIS B 152 -3.06 -1.64 2.78
CA HIS B 152 -3.40 -2.93 2.21
C HIS B 152 -3.61 -3.96 3.30
N ILE B 153 -4.77 -4.60 3.33
CA ILE B 153 -5.10 -5.61 4.35
C ILE B 153 -5.63 -6.91 3.69
N ASN B 154 -5.79 -7.99 4.48
CA ASN B 154 -6.32 -9.26 4.02
C ASN B 154 -7.86 -9.23 4.15
N TRP B 155 -8.57 -9.31 3.02
CA TRP B 155 -10.04 -9.35 3.06
C TRP B 155 -10.61 -10.79 3.01
N GLU B 156 -9.73 -11.79 2.75
CA GLU B 156 -10.06 -13.23 2.67
C GLU B 156 -10.46 -13.81 4.02
N ASP B 157 -11.24 -14.91 3.99
CA ASP B 157 -11.65 -15.56 5.23
C ASP B 157 -10.57 -16.46 5.80
N ASN B 158 -9.76 -17.12 4.95
CA ASN B 158 -8.67 -17.93 5.48
C ASN B 158 -7.38 -17.16 5.56
N ALA C 4 -11.61 -6.27 -8.68
CA ALA C 4 -10.97 -6.24 -9.99
C ALA C 4 -9.46 -6.44 -9.88
N LYS C 5 -8.84 -7.06 -10.89
CA LYS C 5 -7.40 -7.30 -10.88
C LYS C 5 -6.62 -6.26 -11.70
N VAL C 6 -7.28 -5.51 -12.59
CA VAL C 6 -6.60 -4.50 -13.40
C VAL C 6 -7.31 -3.19 -13.24
N GLN C 7 -6.56 -2.10 -12.99
CA GLN C 7 -7.16 -0.78 -12.86
C GLN C 7 -6.44 0.19 -13.78
N VAL C 8 -7.16 0.82 -14.72
CA VAL C 8 -6.52 1.78 -15.61
C VAL C 8 -6.43 3.12 -14.90
N ASN C 9 -5.19 3.59 -14.63
CA ASN C 9 -4.95 4.84 -13.91
C ASN C 9 -5.01 6.08 -14.77
N ASN C 10 -4.45 6.02 -16.00
CA ASN C 10 -4.39 7.20 -16.84
C ASN C 10 -4.26 6.87 -18.32
N VAL C 11 -4.81 7.73 -19.18
CA VAL C 11 -4.69 7.63 -20.65
C VAL C 11 -4.31 9.02 -21.15
N VAL C 12 -3.23 9.14 -21.93
CA VAL C 12 -2.77 10.43 -22.44
C VAL C 12 -2.88 10.45 -23.93
N VAL C 13 -3.57 11.44 -24.51
CA VAL C 13 -3.70 11.52 -25.98
C VAL C 13 -2.46 12.21 -26.56
N LEU C 14 -1.66 11.47 -27.33
CA LEU C 14 -0.45 12.02 -27.95
C LEU C 14 -0.71 12.46 -29.41
N ASP C 15 0.15 13.37 -29.95
CA ASP C 15 0.06 13.86 -31.33
C ASP C 15 -1.34 14.38 -31.63
N ASN C 16 -1.80 15.37 -30.86
CA ASN C 16 -3.16 15.87 -31.02
C ASN C 16 -3.27 17.38 -30.90
N PRO C 17 -3.99 18.05 -31.83
CA PRO C 17 -4.59 17.50 -33.06
C PRO C 17 -3.53 17.10 -34.10
N SER C 18 -3.94 16.35 -35.09
CA SER C 18 -3.04 15.85 -36.11
C SER C 18 -3.81 15.63 -37.41
N PRO C 19 -3.14 15.51 -38.58
CA PRO C 19 -3.87 15.14 -39.81
C PRO C 19 -4.68 13.86 -39.61
N PHE C 20 -5.85 13.73 -40.26
CA PHE C 20 -6.72 12.56 -40.18
C PHE C 20 -5.95 11.24 -40.30
N TYR C 21 -5.04 11.18 -41.25
CA TYR C 21 -4.28 9.99 -41.60
C TYR C 21 -3.17 9.57 -40.62
N ASN C 22 -2.78 10.44 -39.68
CA ASN C 22 -1.77 10.06 -38.69
C ASN C 22 -2.34 8.97 -37.78
N PRO C 23 -1.54 7.99 -37.38
CA PRO C 23 -2.03 6.96 -36.46
C PRO C 23 -2.38 7.54 -35.08
N PHE C 24 -3.31 6.89 -34.39
CA PHE C 24 -3.70 7.26 -33.05
C PHE C 24 -2.59 6.86 -32.11
N GLN C 25 -2.38 7.64 -31.04
CA GLN C 25 -1.35 7.33 -30.08
C GLN C 25 -1.86 7.64 -28.69
N PHE C 26 -2.00 6.62 -27.85
CA PHE C 26 -2.45 6.81 -26.48
C PHE C 26 -1.43 6.23 -25.55
N GLU C 27 -0.95 7.00 -24.56
CA GLU C 27 -0.01 6.50 -23.57
C GLU C 27 -0.87 6.01 -22.40
N ILE C 28 -1.03 4.70 -22.26
CA ILE C 28 -1.87 4.12 -21.21
C ILE C 28 -1.05 3.66 -20.01
N THR C 29 -1.53 3.98 -18.81
CA THR C 29 -0.91 3.56 -17.56
C THR C 29 -1.92 2.78 -16.73
N PHE C 30 -1.59 1.54 -16.36
CA PHE C 30 -2.49 0.72 -15.57
C PHE C 30 -1.76 -0.01 -14.42
N GLU C 31 -2.53 -0.45 -13.42
CA GLU C 31 -1.99 -1.17 -12.29
C GLU C 31 -2.57 -2.55 -12.27
N CYS C 32 -1.75 -3.51 -11.85
CA CYS C 32 -2.20 -4.87 -11.71
C CYS C 32 -2.14 -5.21 -10.24
N ILE C 33 -3.25 -5.66 -9.67
CA ILE C 33 -3.30 -6.02 -8.27
C ILE C 33 -2.71 -7.43 -8.09
N GLU C 34 -3.16 -8.42 -8.89
CA GLU C 34 -2.63 -9.78 -8.82
C GLU C 34 -1.95 -10.18 -10.14
N ASP C 35 -1.04 -11.18 -10.10
CA ASP C 35 -0.39 -11.68 -11.31
C ASP C 35 -1.45 -12.34 -12.21
N LEU C 36 -1.72 -11.76 -13.39
CA LEU C 36 -2.70 -12.34 -14.31
C LEU C 36 -2.16 -13.54 -15.04
N SER C 37 -2.94 -14.61 -15.11
CA SER C 37 -2.52 -15.82 -15.81
C SER C 37 -2.72 -15.64 -17.33
N GLU C 38 -3.81 -14.98 -17.73
CA GLU C 38 -4.09 -14.77 -19.15
C GLU C 38 -3.70 -13.37 -19.63
N ASP C 39 -3.81 -13.11 -20.93
CA ASP C 39 -3.47 -11.83 -21.49
C ASP C 39 -4.64 -10.85 -21.48
N LEU C 40 -4.30 -9.57 -21.41
CA LEU C 40 -5.27 -8.51 -21.53
C LEU C 40 -5.31 -8.21 -23.02
N GLU C 41 -6.50 -8.00 -23.58
CA GLU C 41 -6.67 -7.69 -24.98
C GLU C 41 -7.15 -6.26 -25.13
N TRP C 42 -6.25 -5.39 -25.56
CA TRP C 42 -6.56 -3.98 -25.76
C TRP C 42 -7.01 -3.72 -27.20
N LYS C 43 -8.01 -2.87 -27.39
CA LYS C 43 -8.49 -2.52 -28.73
C LYS C 43 -8.71 -1.03 -28.88
N ILE C 44 -8.51 -0.51 -30.09
CA ILE C 44 -8.85 0.87 -30.41
C ILE C 44 -9.92 0.75 -31.48
N ILE C 45 -11.15 1.16 -31.19
CA ILE C 45 -12.26 1.04 -32.13
C ILE C 45 -12.72 2.42 -32.59
N TYR C 46 -12.75 2.63 -33.91
CA TYR C 46 -13.18 3.91 -34.47
C TYR C 46 -14.66 3.84 -34.81
N VAL C 47 -15.50 4.74 -34.27
CA VAL C 47 -16.91 4.73 -34.60
C VAL C 47 -17.05 5.44 -35.95
N GLY C 48 -17.00 4.68 -37.05
CA GLY C 48 -17.13 5.23 -38.37
C GLY C 48 -18.48 5.86 -38.63
N SER C 49 -19.53 5.33 -37.97
CA SER C 49 -20.85 5.90 -38.08
C SER C 49 -21.64 5.78 -36.79
N ALA C 50 -22.10 6.92 -36.28
CA ALA C 50 -22.95 6.97 -35.09
C ALA C 50 -24.25 6.19 -35.30
N GLU C 51 -24.74 6.14 -36.54
CA GLU C 51 -25.97 5.50 -36.94
C GLU C 51 -25.94 4.01 -36.82
N SER C 52 -24.78 3.37 -37.09
CA SER C 52 -24.68 1.92 -37.01
C SER C 52 -23.34 1.41 -36.57
N GLU C 53 -23.40 0.39 -35.72
CA GLU C 53 -22.24 -0.29 -35.20
C GLU C 53 -21.47 -1.04 -36.31
N GLU C 54 -22.13 -1.34 -37.45
CA GLU C 54 -21.51 -2.01 -38.58
C GLU C 54 -20.40 -1.21 -39.23
N TYR C 55 -20.36 0.11 -39.01
CA TYR C 55 -19.32 0.95 -39.60
C TYR C 55 -18.14 1.19 -38.66
N ASP C 56 -18.06 0.43 -37.53
CA ASP C 56 -16.96 0.47 -36.58
C ASP C 56 -15.76 -0.17 -37.22
N GLN C 57 -14.59 0.40 -36.99
CA GLN C 57 -13.35 -0.14 -37.51
C GLN C 57 -12.42 -0.39 -36.34
N VAL C 58 -12.03 -1.64 -36.11
CA VAL C 58 -11.11 -1.96 -35.05
C VAL C 58 -9.73 -1.65 -35.61
N LEU C 59 -9.21 -0.47 -35.27
CA LEU C 59 -7.93 0.01 -35.76
C LEU C 59 -6.76 -0.89 -35.38
N ASP C 60 -6.79 -1.51 -34.18
CA ASP C 60 -5.80 -2.50 -33.73
C ASP C 60 -6.29 -3.27 -32.52
N SER C 61 -5.83 -4.53 -32.40
CA SER C 61 -6.17 -5.40 -31.28
C SER C 61 -4.85 -6.01 -30.83
N VAL C 62 -4.42 -5.65 -29.62
CA VAL C 62 -3.12 -6.03 -29.08
C VAL C 62 -3.23 -6.86 -27.78
N LEU C 63 -2.51 -7.98 -27.72
CA LEU C 63 -2.49 -8.82 -26.54
C LEU C 63 -1.28 -8.48 -25.68
N VAL C 64 -1.53 -7.97 -24.48
CA VAL C 64 -0.46 -7.60 -23.54
C VAL C 64 -0.38 -8.65 -22.44
N GLY C 65 0.76 -9.31 -22.31
CA GLY C 65 0.93 -10.30 -21.26
C GLY C 65 2.07 -11.28 -21.45
N PRO C 66 2.41 -12.10 -20.42
CA PRO C 66 1.83 -12.18 -19.05
C PRO C 66 1.88 -10.86 -18.29
N VAL C 67 0.89 -10.61 -17.43
CA VAL C 67 0.83 -9.34 -16.70
C VAL C 67 1.16 -9.50 -15.20
N PRO C 68 2.40 -9.20 -14.78
CA PRO C 68 2.72 -9.31 -13.35
C PRO C 68 2.14 -8.13 -12.54
N ALA C 69 2.04 -8.31 -11.22
CA ALA C 69 1.50 -7.27 -10.36
C ALA C 69 2.40 -6.03 -10.37
N GLY C 70 1.82 -4.85 -10.52
CA GLY C 70 2.57 -3.60 -10.52
C GLY C 70 2.06 -2.56 -11.49
N ARG C 71 2.80 -1.44 -11.64
CA ARG C 71 2.44 -0.37 -12.58
C ARG C 71 3.03 -0.64 -13.99
N HIS C 72 2.19 -0.57 -15.02
CA HIS C 72 2.63 -0.76 -16.40
C HIS C 72 2.23 0.38 -17.32
N MET C 73 3.13 0.83 -18.19
CA MET C 73 2.83 1.91 -19.12
C MET C 73 3.29 1.57 -20.51
N PHE C 74 2.46 1.91 -21.50
CA PHE C 74 2.80 1.62 -22.88
C PHE C 74 2.14 2.60 -23.82
N VAL C 75 2.69 2.78 -25.02
CA VAL C 75 2.07 3.64 -26.02
C VAL C 75 1.36 2.77 -27.04
N PHE C 76 0.04 2.77 -27.00
CA PHE C 76 -0.78 1.99 -27.90
C PHE C 76 -0.93 2.80 -29.18
N GLN C 77 -0.31 2.35 -30.28
CA GLN C 77 -0.43 3.05 -31.55
C GLN C 77 -1.26 2.21 -32.51
N ALA C 78 -2.17 2.86 -33.26
CA ALA C 78 -3.01 2.17 -34.23
C ALA C 78 -3.22 3.04 -35.46
N ASP C 79 -3.14 2.47 -36.67
CA ASP C 79 -3.32 3.22 -37.90
C ASP C 79 -4.69 3.87 -38.01
N ALA C 80 -4.75 5.03 -38.68
CA ALA C 80 -5.98 5.77 -38.87
C ALA C 80 -7.01 4.94 -39.64
N PRO C 81 -8.33 5.20 -39.42
CA PRO C 81 -9.34 4.41 -40.11
C PRO C 81 -9.28 4.52 -41.63
N ASN C 82 -9.87 3.55 -42.29
CA ASN C 82 -9.96 3.48 -43.74
C ASN C 82 -11.11 4.39 -44.12
N PRO C 83 -10.84 5.48 -44.85
CA PRO C 83 -11.92 6.40 -45.21
C PRO C 83 -12.96 5.78 -46.13
N GLY C 84 -12.56 4.76 -46.89
CA GLY C 84 -13.42 4.05 -47.81
C GLY C 84 -14.59 3.35 -47.16
N LEU C 85 -14.55 3.16 -45.85
CA LEU C 85 -15.64 2.54 -45.14
C LEU C 85 -16.45 3.54 -44.30
N ILE C 86 -16.08 4.84 -44.32
CA ILE C 86 -16.80 5.87 -43.57
C ILE C 86 -17.87 6.56 -44.44
N PRO C 87 -19.14 6.52 -43.98
CA PRO C 87 -20.19 7.22 -44.70
C PRO C 87 -19.85 8.72 -44.76
N ASP C 88 -19.92 9.34 -45.95
CA ASP C 88 -19.60 10.77 -46.15
C ASP C 88 -20.26 11.68 -45.10
N ALA C 89 -21.56 11.47 -44.80
CA ALA C 89 -22.28 12.29 -43.81
C ALA C 89 -21.65 12.28 -42.42
N ASP C 90 -20.94 11.20 -42.08
CA ASP C 90 -20.31 11.05 -40.77
C ASP C 90 -18.82 11.40 -40.76
N ALA C 91 -18.22 11.68 -41.94
CA ALA C 91 -16.79 11.96 -42.02
C ALA C 91 -16.37 13.25 -41.32
N VAL C 92 -17.10 14.37 -41.56
CA VAL C 92 -16.78 15.67 -40.98
C VAL C 92 -17.64 15.97 -39.72
N GLY C 93 -17.01 16.47 -38.68
CA GLY C 93 -17.68 16.76 -37.42
C GLY C 93 -17.37 15.75 -36.34
N VAL C 94 -18.17 15.76 -35.26
CA VAL C 94 -17.99 14.84 -34.15
C VAL C 94 -18.33 13.39 -34.44
N THR C 95 -17.48 12.52 -33.93
CA THR C 95 -17.57 11.07 -33.84
C THR C 95 -16.83 10.65 -32.53
N VAL C 96 -16.55 9.34 -32.34
CA VAL C 96 -15.96 8.82 -31.14
C VAL C 96 -14.91 7.77 -31.49
N VAL C 97 -13.82 7.72 -30.71
CA VAL C 97 -12.82 6.66 -30.75
C VAL C 97 -12.91 6.00 -29.34
N LEU C 98 -12.89 4.66 -29.30
CA LEU C 98 -12.98 3.90 -28.07
C LEU C 98 -11.71 3.12 -27.83
N ILE C 99 -11.28 3.01 -26.57
CA ILE C 99 -10.14 2.19 -26.18
C ILE C 99 -10.71 1.22 -25.19
N THR C 100 -10.72 -0.08 -25.51
CA THR C 100 -11.31 -1.06 -24.60
C THR C 100 -10.27 -2.07 -24.14
N CYS C 101 -10.35 -2.50 -22.88
CA CYS C 101 -9.49 -3.58 -22.42
C CYS C 101 -10.39 -4.72 -22.02
N THR C 102 -10.01 -5.93 -22.41
CA THR C 102 -10.79 -7.14 -22.28
C THR C 102 -9.97 -8.24 -21.60
N TYR C 103 -10.56 -8.97 -20.64
CA TYR C 103 -9.85 -10.04 -19.94
C TYR C 103 -10.69 -11.30 -20.05
N ARG C 104 -10.07 -12.40 -20.52
CA ARG C 104 -10.75 -13.68 -20.72
C ARG C 104 -12.00 -13.52 -21.63
N GLY C 105 -11.93 -12.61 -22.61
CA GLY C 105 -13.06 -12.38 -23.50
C GLY C 105 -14.16 -11.49 -22.95
N GLN C 106 -13.97 -10.94 -21.75
CA GLN C 106 -14.95 -10.06 -21.12
C GLN C 106 -14.42 -8.64 -21.07
N GLU C 107 -15.11 -7.68 -21.70
CA GLU C 107 -14.68 -6.28 -21.66
C GLU C 107 -14.96 -5.73 -20.29
N PHE C 108 -13.94 -5.16 -19.64
CA PHE C 108 -14.07 -4.60 -18.30
C PHE C 108 -13.93 -3.07 -18.23
N ILE C 109 -13.38 -2.44 -19.28
CA ILE C 109 -13.22 -0.99 -19.29
C ILE C 109 -13.29 -0.46 -20.70
N ARG C 110 -13.98 0.66 -20.89
CA ARG C 110 -14.14 1.32 -22.17
C ARG C 110 -13.89 2.81 -21.96
N VAL C 111 -12.80 3.32 -22.53
CA VAL C 111 -12.44 4.73 -22.45
C VAL C 111 -12.81 5.34 -23.78
N GLY C 112 -13.70 6.30 -23.77
CA GLY C 112 -14.14 6.94 -25.00
C GLY C 112 -13.68 8.38 -25.08
N TYR C 113 -13.36 8.82 -26.31
CA TYR C 113 -12.98 10.19 -26.59
C TYR C 113 -13.85 10.67 -27.74
N TYR C 114 -14.44 11.86 -27.61
CA TYR C 114 -15.16 12.44 -28.75
C TYR C 114 -14.07 13.04 -29.66
N VAL C 115 -14.17 12.83 -30.95
CA VAL C 115 -13.19 13.31 -31.91
C VAL C 115 -13.93 14.26 -32.85
N ASN C 116 -13.34 15.40 -33.20
CA ASN C 116 -13.98 16.33 -34.14
C ASN C 116 -13.07 16.53 -35.36
N ASN C 117 -13.47 15.96 -36.52
CA ASN C 117 -12.71 16.07 -37.76
C ASN C 117 -13.16 17.34 -38.46
N GLU C 118 -12.21 18.20 -38.76
CA GLU C 118 -12.50 19.51 -39.29
C GLU C 118 -11.46 19.87 -40.35
N TYR C 119 -11.88 20.63 -41.39
CA TYR C 119 -10.94 21.09 -42.38
C TYR C 119 -10.08 22.21 -41.76
N THR C 120 -8.84 22.33 -42.21
CA THR C 120 -7.91 23.32 -41.70
C THR C 120 -7.97 24.63 -42.49
N GLU C 121 -8.32 24.56 -43.78
CA GLU C 121 -8.43 25.77 -44.57
C GLU C 121 -9.79 26.38 -44.31
N THR C 122 -9.84 27.71 -44.18
CA THR C 122 -11.10 28.42 -43.94
C THR C 122 -12.12 28.18 -45.04
N GLU C 123 -11.70 28.22 -46.33
CA GLU C 123 -12.62 27.97 -47.43
C GLU C 123 -13.31 26.62 -47.34
N LEU C 124 -12.58 25.55 -47.01
CA LEU C 124 -13.17 24.22 -46.88
C LEU C 124 -14.03 24.12 -45.63
N ARG C 125 -13.70 24.85 -44.55
CA ARG C 125 -14.51 24.82 -43.33
C ARG C 125 -15.90 25.39 -43.63
N GLU C 126 -15.94 26.51 -44.34
CA GLU C 126 -17.19 27.16 -44.66
C GLU C 126 -17.93 26.54 -45.83
N ASN C 127 -17.19 25.97 -46.80
CA ASN C 127 -17.76 25.34 -47.99
C ASN C 127 -17.19 23.95 -48.14
N PRO C 128 -17.63 22.99 -47.31
CA PRO C 128 -17.05 21.64 -47.40
C PRO C 128 -17.29 20.94 -48.72
N PRO C 129 -16.29 20.17 -49.19
CA PRO C 129 -16.46 19.44 -50.44
C PRO C 129 -17.65 18.48 -50.43
N VAL C 130 -18.19 18.15 -51.62
CA VAL C 130 -19.32 17.23 -51.75
C VAL C 130 -18.93 15.86 -51.21
N LYS C 131 -17.74 15.40 -51.55
CA LYS C 131 -17.20 14.15 -51.05
C LYS C 131 -16.06 14.58 -50.11
N PRO C 132 -16.05 14.10 -48.86
CA PRO C 132 -15.00 14.51 -47.91
C PRO C 132 -13.60 14.28 -48.43
N ASP C 133 -12.70 15.21 -48.11
CA ASP C 133 -11.30 15.13 -48.50
C ASP C 133 -10.50 14.84 -47.26
N PHE C 134 -10.28 13.55 -46.98
CA PHE C 134 -9.56 13.14 -45.78
C PHE C 134 -8.12 13.62 -45.71
N SER C 135 -7.52 13.97 -46.84
CA SER C 135 -6.18 14.52 -46.84
C SER C 135 -6.15 15.98 -46.34
N LYS C 136 -7.31 16.66 -46.26
CA LYS C 136 -7.39 18.03 -45.75
C LYS C 136 -8.08 18.13 -44.38
N LEU C 137 -8.56 17.00 -43.81
CA LEU C 137 -9.23 16.96 -42.51
C LEU C 137 -8.22 16.74 -41.42
N GLN C 138 -8.37 17.52 -40.32
CA GLN C 138 -7.59 17.45 -39.11
C GLN C 138 -8.44 16.77 -38.06
N ARG C 139 -7.83 15.88 -37.28
CA ARG C 139 -8.51 15.16 -36.24
C ARG C 139 -8.22 15.85 -34.97
N ASN C 140 -9.25 16.45 -34.34
CA ASN C 140 -9.07 17.11 -33.06
C ASN C 140 -9.79 16.29 -32.00
N ILE C 141 -9.07 15.44 -31.26
CA ILE C 141 -9.65 14.62 -30.20
C ILE C 141 -9.92 15.51 -29.00
N LEU C 142 -11.14 15.47 -28.42
CA LEU C 142 -11.49 16.27 -27.26
C LEU C 142 -10.91 15.59 -26.02
N ALA C 143 -9.58 15.68 -25.87
CA ALA C 143 -8.78 14.98 -24.89
C ALA C 143 -8.89 15.49 -23.46
N SER C 144 -9.46 16.70 -23.26
CA SER C 144 -9.65 17.18 -21.88
C SER C 144 -10.89 16.52 -21.27
N ASN C 145 -11.74 15.83 -22.04
CA ASN C 145 -12.95 15.21 -21.51
C ASN C 145 -13.07 13.73 -21.89
N PRO C 146 -12.26 12.87 -21.26
CA PRO C 146 -12.37 11.44 -21.52
C PRO C 146 -13.58 10.85 -20.77
N ARG C 147 -14.23 9.83 -21.38
CA ARG C 147 -15.36 9.19 -20.71
C ARG C 147 -15.05 7.71 -20.39
N VAL C 148 -14.81 7.42 -19.11
CA VAL C 148 -14.45 6.08 -18.66
C VAL C 148 -15.66 5.31 -18.14
N THR C 149 -15.87 4.09 -18.66
CA THR C 149 -16.97 3.23 -18.23
C THR C 149 -16.37 1.90 -17.81
N ARG C 150 -16.67 1.45 -16.60
CA ARG C 150 -16.16 0.18 -16.08
C ARG C 150 -17.30 -0.84 -16.00
N PHE C 151 -17.00 -2.12 -16.25
CA PHE C 151 -17.99 -3.19 -16.25
C PHE C 151 -17.56 -4.31 -15.34
N HIS C 152 -18.52 -4.96 -14.68
CA HIS C 152 -18.21 -6.06 -13.78
C HIS C 152 -17.92 -7.32 -14.59
N ILE C 153 -16.74 -7.92 -14.39
CA ILE C 153 -16.36 -9.15 -15.08
C ILE C 153 -15.90 -10.23 -14.07
N ASN C 154 -15.71 -11.47 -14.54
CA ASN C 154 -15.25 -12.58 -13.74
C ASN C 154 -13.71 -12.66 -13.79
N TRP C 155 -13.04 -12.32 -12.67
CA TRP C 155 -11.57 -12.37 -12.59
C TRP C 155 -11.13 -13.66 -11.88
N ALA D 4 23.59 38.87 14.85
CA ALA D 4 22.43 39.50 14.21
C ALA D 4 22.12 40.88 14.79
N LYS D 5 21.68 41.81 13.96
CA LYS D 5 21.38 43.17 14.43
C LYS D 5 19.88 43.40 14.70
N VAL D 6 18.99 42.54 14.19
CA VAL D 6 17.55 42.69 14.42
C VAL D 6 17.01 41.38 14.96
N GLN D 7 16.19 41.45 15.99
CA GLN D 7 15.57 40.26 16.55
C GLN D 7 14.05 40.46 16.64
N VAL D 8 13.23 39.63 15.97
CA VAL D 8 11.78 39.81 16.05
C VAL D 8 11.27 39.13 17.30
N ASN D 9 10.73 39.90 18.25
CA ASN D 9 10.25 39.39 19.52
C ASN D 9 8.86 38.80 19.49
N ASN D 10 7.92 39.45 18.79
CA ASN D 10 6.53 39.03 18.81
C ASN D 10 5.75 39.51 17.61
N VAL D 11 4.77 38.70 17.17
CA VAL D 11 3.84 39.03 16.09
C VAL D 11 2.43 38.75 16.60
N VAL D 12 1.52 39.73 16.53
CA VAL D 12 0.17 39.55 17.01
C VAL D 12 -0.81 39.63 15.84
N VAL D 13 -1.67 38.62 15.67
CA VAL D 13 -2.64 38.65 14.57
C VAL D 13 -3.87 39.46 14.99
N LEU D 14 -4.10 40.60 14.34
CA LEU D 14 -5.24 41.46 14.67
C LEU D 14 -6.41 41.23 13.71
N ASP D 15 -7.64 41.61 14.12
CA ASP D 15 -8.87 41.48 13.30
C ASP D 15 -9.01 40.04 12.79
N ASN D 16 -9.07 39.06 13.71
CA ASN D 16 -9.12 37.67 13.31
C ASN D 16 -10.09 36.85 14.16
N PRO D 17 -10.95 36.03 13.52
CA PRO D 17 -11.18 35.91 12.08
C PRO D 17 -11.87 37.15 11.51
N SER D 18 -11.86 37.26 10.19
CA SER D 18 -12.44 38.42 9.53
C SER D 18 -12.92 38.04 8.15
N PRO D 19 -13.80 38.81 7.49
CA PRO D 19 -14.16 38.51 6.10
C PRO D 19 -12.91 38.42 5.21
N PHE D 20 -12.90 37.55 4.20
CA PHE D 20 -11.77 37.36 3.29
C PHE D 20 -11.17 38.67 2.78
N TYR D 21 -12.04 39.60 2.40
CA TYR D 21 -11.67 40.89 1.82
C TYR D 21 -11.04 41.93 2.78
N ASN D 22 -11.13 41.72 4.11
CA ASN D 22 -10.52 42.65 5.07
C ASN D 22 -9.00 42.57 4.92
N PRO D 23 -8.30 43.71 5.06
CA PRO D 23 -6.84 43.66 4.97
C PRO D 23 -6.23 42.92 6.16
N PHE D 24 -5.06 42.33 5.96
CA PHE D 24 -4.32 41.65 7.02
C PHE D 24 -3.75 42.69 7.96
N GLN D 25 -3.66 42.34 9.25
CA GLN D 25 -3.11 43.26 10.23
C GLN D 25 -2.27 42.49 11.23
N PHE D 26 -0.97 42.76 11.26
CA PHE D 26 -0.08 42.10 12.20
C PHE D 26 0.64 43.17 13.00
N GLU D 27 0.59 43.07 14.32
CA GLU D 27 1.31 43.99 15.19
C GLU D 27 2.67 43.35 15.45
N ILE D 28 3.72 43.89 14.83
CA ILE D 28 5.05 43.33 14.92
C ILE D 28 5.89 44.08 15.91
N THR D 29 6.61 43.34 16.77
CA THR D 29 7.51 43.92 17.77
C THR D 29 8.89 43.36 17.55
N PHE D 30 9.88 44.24 17.35
CA PHE D 30 11.27 43.79 17.14
C PHE D 30 12.27 44.65 17.92
N GLU D 31 13.46 44.11 18.16
CA GLU D 31 14.53 44.82 18.86
C GLU D 31 15.71 45.01 17.91
N CYS D 32 16.36 46.16 17.98
CA CYS D 32 17.50 46.44 17.12
C CYS D 32 18.76 46.68 17.97
N ILE D 33 19.71 45.74 17.88
CA ILE D 33 20.93 45.77 18.66
C ILE D 33 21.82 46.95 18.29
N GLU D 34 22.10 47.13 16.99
CA GLU D 34 22.92 48.26 16.53
C GLU D 34 22.11 49.20 15.63
N ASP D 35 22.55 50.47 15.52
CA ASP D 35 21.90 51.43 14.62
C ASP D 35 22.07 50.96 13.16
N LEU D 36 20.98 50.55 12.49
CA LEU D 36 21.07 50.08 11.10
C LEU D 36 21.29 51.22 10.12
N SER D 37 22.20 51.03 9.17
CA SER D 37 22.45 52.01 8.13
C SER D 37 21.38 51.87 7.03
N GLU D 38 21.10 50.63 6.61
CA GLU D 38 20.11 50.40 5.57
C GLU D 38 18.69 50.26 6.15
N ASP D 39 17.71 49.97 5.28
CA ASP D 39 16.33 49.86 5.70
C ASP D 39 15.88 48.40 5.78
N LEU D 40 14.98 48.12 6.71
CA LEU D 40 14.42 46.79 6.85
C LEU D 40 13.25 46.72 5.89
N GLU D 41 13.17 45.65 5.07
CA GLU D 41 12.10 45.49 4.12
C GLU D 41 11.15 44.41 4.59
N TRP D 42 9.96 44.80 5.01
CA TRP D 42 8.95 43.87 5.48
C TRP D 42 7.99 43.52 4.37
N LYS D 43 7.63 42.24 4.24
CA LYS D 43 6.70 41.80 3.21
C LYS D 43 5.63 40.89 3.79
N ILE D 44 4.42 40.94 3.22
CA ILE D 44 3.35 40.01 3.56
C ILE D 44 3.06 39.30 2.26
N ILE D 45 3.33 38.00 2.20
CA ILE D 45 3.13 37.23 0.99
C ILE D 45 2.01 36.22 1.18
N TYR D 46 1.04 36.21 0.28
CA TYR D 46 -0.09 35.30 0.36
C TYR D 46 0.21 34.10 -0.53
N VAL D 47 0.19 32.87 0.02
CA VAL D 47 0.40 31.69 -0.81
C VAL D 47 -0.94 31.37 -1.50
N GLY D 48 -1.14 31.92 -2.69
CA GLY D 48 -2.36 31.72 -3.47
C GLY D 48 -2.56 30.27 -3.87
N SER D 49 -1.44 29.55 -4.09
CA SER D 49 -1.50 28.13 -4.38
C SER D 49 -0.32 27.35 -3.80
N ALA D 50 -0.61 26.33 -3.02
CA ALA D 50 0.40 25.41 -2.50
C ALA D 50 1.13 24.69 -3.65
N GLU D 51 0.48 24.51 -4.80
CA GLU D 51 1.06 23.83 -5.94
C GLU D 51 2.17 24.59 -6.61
N SER D 52 2.11 25.92 -6.62
CA SER D 52 3.14 26.71 -7.25
C SER D 52 3.36 28.06 -6.64
N GLU D 53 4.61 28.42 -6.59
CA GLU D 53 5.08 29.71 -6.10
C GLU D 53 4.63 30.86 -7.02
N GLU D 54 4.26 30.56 -8.29
CA GLU D 54 3.77 31.56 -9.24
C GLU D 54 2.45 32.19 -8.84
N TYR D 55 1.69 31.54 -7.96
CA TYR D 55 0.41 32.09 -7.52
C TYR D 55 0.51 32.88 -6.21
N ASP D 56 1.75 33.17 -5.74
CA ASP D 56 2.02 34.00 -4.57
C ASP D 56 1.69 35.43 -4.90
N GLN D 57 1.08 36.13 -3.95
CA GLN D 57 0.76 37.53 -4.11
C GLN D 57 1.42 38.31 -3.00
N VAL D 58 2.34 39.22 -3.32
CA VAL D 58 2.98 40.05 -2.31
C VAL D 58 1.99 41.13 -1.99
N LEU D 59 1.25 40.96 -0.89
CA LEU D 59 0.23 41.90 -0.47
C LEU D 59 0.74 43.29 -0.30
N ASP D 60 1.92 43.43 0.35
CA ASP D 60 2.60 44.71 0.52
C ASP D 60 4.08 44.53 0.85
N SER D 61 4.89 45.51 0.47
CA SER D 61 6.33 45.52 0.71
C SER D 61 6.65 46.90 1.27
N VAL D 62 7.14 46.94 2.51
CA VAL D 62 7.38 48.18 3.23
C VAL D 62 8.83 48.36 3.67
N LEU D 63 9.37 49.58 3.48
CA LEU D 63 10.73 49.90 3.90
C LEU D 63 10.67 50.72 5.18
N VAL D 64 11.13 50.14 6.29
CA VAL D 64 11.14 50.78 7.60
C VAL D 64 12.56 51.23 7.91
N GLY D 65 12.76 52.53 8.11
CA GLY D 65 14.09 53.04 8.44
C GLY D 65 14.33 54.50 8.16
N PRO D 66 15.47 55.09 8.63
CA PRO D 66 16.57 54.48 9.43
C PRO D 66 16.10 53.80 10.73
N VAL D 67 16.77 52.70 11.12
CA VAL D 67 16.38 51.96 12.33
C VAL D 67 17.37 52.16 13.48
N PRO D 68 17.06 53.03 14.46
CA PRO D 68 17.98 53.18 15.61
C PRO D 68 17.86 52.00 16.58
N ALA D 69 18.88 51.83 17.43
CA ALA D 69 18.88 50.73 18.40
C ALA D 69 17.73 50.89 19.41
N GLY D 70 17.01 49.80 19.68
CA GLY D 70 15.90 49.84 20.62
C GLY D 70 14.73 48.93 20.27
N ARG D 71 13.66 48.94 21.08
CA ARG D 71 12.46 48.12 20.85
C ARG D 71 11.43 48.90 20.05
N HIS D 72 11.08 48.41 18.87
CA HIS D 72 10.11 49.07 18.00
C HIS D 72 8.89 48.22 17.80
N MET D 73 7.75 48.88 17.58
CA MET D 73 6.50 48.17 17.31
C MET D 73 5.68 48.92 16.30
N PHE D 74 5.09 48.18 15.36
CA PHE D 74 4.27 48.79 14.34
C PHE D 74 3.19 47.83 13.85
N VAL D 75 2.10 48.39 13.31
CA VAL D 75 1.05 47.55 12.75
C VAL D 75 1.20 47.48 11.23
N PHE D 76 1.57 46.30 10.73
CA PHE D 76 1.75 46.08 9.32
C PHE D 76 0.42 45.70 8.72
N GLN D 77 -0.13 46.59 7.89
CA GLN D 77 -1.40 46.34 7.24
C GLN D 77 -1.22 46.16 5.74
N ALA D 78 -1.88 45.15 5.16
CA ALA D 78 -1.77 44.87 3.73
C ALA D 78 -3.13 44.42 3.18
N ASP D 79 -3.53 44.94 2.02
CA ASP D 79 -4.79 44.57 1.40
C ASP D 79 -4.91 43.09 1.10
N ALA D 80 -6.13 42.56 1.20
CA ALA D 80 -6.40 41.14 0.95
C ALA D 80 -6.00 40.75 -0.48
N PRO D 81 -5.64 39.47 -0.71
CA PRO D 81 -5.26 39.05 -2.06
C PRO D 81 -6.36 39.23 -3.11
N ASN D 82 -5.96 39.26 -4.36
CA ASN D 82 -6.85 39.39 -5.50
C ASN D 82 -7.39 38.00 -5.76
N PRO D 83 -8.70 37.78 -5.59
CA PRO D 83 -9.25 36.44 -5.80
C PRO D 83 -9.14 35.95 -7.24
N GLY D 84 -9.06 36.89 -8.16
CA GLY D 84 -8.94 36.60 -9.58
C GLY D 84 -7.69 35.86 -9.98
N LEU D 85 -6.70 35.81 -9.08
CA LEU D 85 -5.47 35.09 -9.35
C LEU D 85 -5.37 33.81 -8.52
N ILE D 86 -6.38 33.48 -7.70
CA ILE D 86 -6.35 32.28 -6.87
C ILE D 86 -7.08 31.11 -7.55
N PRO D 87 -6.36 29.99 -7.75
CA PRO D 87 -7.00 28.78 -8.32
C PRO D 87 -8.16 28.36 -7.42
N ASP D 88 -9.35 28.09 -7.99
CA ASP D 88 -10.55 27.72 -7.23
C ASP D 88 -10.28 26.59 -6.22
N ALA D 89 -9.53 25.54 -6.63
CA ALA D 89 -9.21 24.42 -5.76
C ALA D 89 -8.48 24.81 -4.47
N ASP D 90 -7.74 25.92 -4.50
CA ASP D 90 -6.99 26.39 -3.35
C ASP D 90 -7.68 27.53 -2.58
N ALA D 91 -8.82 28.05 -3.10
CA ALA D 91 -9.53 29.16 -2.44
C ALA D 91 -10.10 28.82 -1.07
N VAL D 92 -10.83 27.69 -0.95
CA VAL D 92 -11.49 27.30 0.29
C VAL D 92 -10.66 26.24 1.02
N GLY D 93 -10.48 26.44 2.33
CA GLY D 93 -9.67 25.55 3.16
C GLY D 93 -8.33 26.18 3.52
N VAL D 94 -7.40 25.34 3.96
CA VAL D 94 -6.09 25.79 4.39
C VAL D 94 -5.16 26.25 3.30
N THR D 95 -4.47 27.35 3.59
CA THR D 95 -3.36 27.98 2.87
C THR D 95 -2.40 28.60 3.92
N VAL D 96 -1.44 29.45 3.52
CA VAL D 96 -0.45 30.03 4.39
C VAL D 96 -0.27 31.51 4.00
N VAL D 97 -0.08 32.38 4.98
CA VAL D 97 0.31 33.76 4.76
C VAL D 97 1.71 33.86 5.41
N LEU D 98 2.65 34.54 4.76
CA LEU D 98 4.01 34.68 5.23
C LEU D 98 4.32 36.14 5.54
N ILE D 99 5.12 36.40 6.58
CA ILE D 99 5.58 37.73 6.92
C ILE D 99 7.08 37.60 6.94
N THR D 100 7.77 38.27 6.00
CA THR D 100 9.23 38.16 5.94
C THR D 100 9.92 39.50 6.17
N CYS D 101 11.11 39.46 6.76
CA CYS D 101 11.91 40.67 6.91
C CYS D 101 13.24 40.46 6.20
N THR D 102 13.59 41.43 5.37
CA THR D 102 14.76 41.41 4.52
C THR D 102 15.68 42.57 4.90
N TYR D 103 16.99 42.32 5.00
CA TYR D 103 17.95 43.37 5.29
C TYR D 103 19.02 43.29 4.25
N ARG D 104 19.20 44.37 3.48
CA ARG D 104 20.17 44.46 2.39
C ARG D 104 19.92 43.40 1.30
N GLY D 105 18.66 43.08 1.06
CA GLY D 105 18.29 42.10 0.04
C GLY D 105 18.35 40.66 0.48
N GLN D 106 18.73 40.40 1.73
CA GLN D 106 18.82 39.04 2.27
C GLN D 106 17.70 38.80 3.30
N GLU D 107 16.84 37.82 3.06
CA GLU D 107 15.77 37.50 4.02
C GLU D 107 16.39 36.83 5.24
N PHE D 108 16.10 37.37 6.43
CA PHE D 108 16.64 36.82 7.67
C PHE D 108 15.57 36.18 8.58
N ILE D 109 14.28 36.48 8.36
CA ILE D 109 13.22 35.89 9.17
C ILE D 109 11.96 35.71 8.36
N ARG D 110 11.27 34.56 8.56
CA ARG D 110 10.04 34.25 7.88
C ARG D 110 9.08 33.72 8.93
N VAL D 111 7.99 34.44 9.18
CA VAL D 111 6.97 34.03 10.13
C VAL D 111 5.79 33.57 9.27
N GLY D 112 5.38 32.33 9.42
CA GLY D 112 4.27 31.81 8.63
C GLY D 112 3.10 31.47 9.50
N TYR D 113 1.90 31.67 8.97
CA TYR D 113 0.66 31.33 9.66
C TYR D 113 -0.19 30.49 8.70
N TYR D 114 -0.77 29.38 9.17
CA TYR D 114 -1.71 28.64 8.33
C TYR D 114 -3.02 29.41 8.40
N VAL D 115 -3.72 29.52 7.28
CA VAL D 115 -4.94 30.28 7.17
C VAL D 115 -6.03 29.37 6.68
N ASN D 116 -7.20 29.34 7.33
CA ASN D 116 -8.32 28.54 6.88
C ASN D 116 -9.48 29.45 6.40
N ASN D 117 -9.75 29.47 5.07
CA ASN D 117 -10.86 30.22 4.52
C ASN D 117 -12.07 29.31 4.52
N GLU D 118 -13.14 29.72 5.19
CA GLU D 118 -14.34 28.91 5.37
C GLU D 118 -15.60 29.75 5.21
N TYR D 119 -16.66 29.15 4.67
CA TYR D 119 -17.93 29.86 4.56
C TYR D 119 -18.55 30.00 5.95
N THR D 120 -19.32 31.06 6.16
CA THR D 120 -19.96 31.32 7.44
C THR D 120 -21.36 30.73 7.55
N GLU D 121 -22.05 30.54 6.41
CA GLU D 121 -23.35 29.90 6.43
C GLU D 121 -23.15 28.39 6.47
N THR D 122 -23.92 27.68 7.29
CA THR D 122 -23.81 26.23 7.40
C THR D 122 -24.05 25.52 6.07
N GLU D 123 -25.09 25.94 5.33
CA GLU D 123 -25.38 25.35 4.03
C GLU D 123 -24.23 25.48 3.05
N LEU D 124 -23.56 26.62 3.02
CA LEU D 124 -22.40 26.81 2.14
C LEU D 124 -21.21 26.01 2.62
N ARG D 125 -21.04 25.83 3.94
CA ARG D 125 -19.92 25.04 4.48
C ARG D 125 -20.03 23.60 4.00
N GLU D 126 -21.24 23.05 4.07
CA GLU D 126 -21.49 21.66 3.72
C GLU D 126 -21.68 21.44 2.22
N ASN D 127 -22.18 22.45 1.51
CA ASN D 127 -22.39 22.38 0.05
C ASN D 127 -21.76 23.62 -0.60
N PRO D 128 -20.42 23.65 -0.72
CA PRO D 128 -19.76 24.85 -1.27
C PRO D 128 -20.10 25.12 -2.73
N PRO D 129 -20.18 26.41 -3.10
CA PRO D 129 -20.43 26.76 -4.50
C PRO D 129 -19.38 26.20 -5.46
N VAL D 130 -19.77 26.04 -6.72
CA VAL D 130 -18.89 25.52 -7.77
C VAL D 130 -17.69 26.43 -7.94
N LYS D 131 -17.94 27.73 -7.98
CA LYS D 131 -16.90 28.72 -8.08
C LYS D 131 -16.92 29.42 -6.73
N PRO D 132 -15.76 29.55 -6.07
CA PRO D 132 -15.74 30.15 -4.74
C PRO D 132 -16.35 31.53 -4.69
N ASP D 133 -17.06 31.83 -3.59
CA ASP D 133 -17.69 33.13 -3.38
C ASP D 133 -16.93 33.82 -2.27
N PHE D 134 -15.91 34.59 -2.64
CA PHE D 134 -15.04 35.27 -1.67
C PHE D 134 -15.77 36.28 -0.80
N SER D 135 -16.95 36.76 -1.24
CA SER D 135 -17.74 37.67 -0.42
C SER D 135 -18.45 36.94 0.74
N LYS D 136 -18.55 35.60 0.71
CA LYS D 136 -19.14 34.83 1.81
C LYS D 136 -18.08 34.03 2.61
N LEU D 137 -16.80 34.12 2.24
CA LEU D 137 -15.71 33.43 2.89
C LEU D 137 -15.22 34.22 4.06
N GLN D 138 -14.80 33.55 5.13
CA GLN D 138 -14.21 34.11 6.33
C GLN D 138 -12.78 33.58 6.42
N ARG D 139 -11.85 34.44 6.77
CA ARG D 139 -10.47 34.06 6.90
C ARG D 139 -10.18 33.81 8.35
N ASN D 140 -9.92 32.55 8.71
CA ASN D 140 -9.58 32.24 10.08
C ASN D 140 -8.10 31.84 10.13
N ILE D 141 -7.21 32.78 10.51
CA ILE D 141 -5.77 32.55 10.64
C ILE D 141 -5.52 31.74 11.90
N LEU D 142 -4.76 30.62 11.79
CA LEU D 142 -4.47 29.76 12.93
C LEU D 142 -3.33 30.39 13.75
N ALA D 143 -3.68 31.48 14.47
CA ALA D 143 -2.78 32.37 15.17
C ALA D 143 -2.18 31.79 16.43
N SER D 144 -2.72 30.68 16.97
CA SER D 144 -2.11 30.05 18.17
C SER D 144 -0.88 29.23 17.78
N ASN D 145 -0.64 28.96 16.49
CA ASN D 145 0.48 28.15 16.03
C ASN D 145 1.30 28.86 14.94
N PRO D 146 2.05 29.92 15.31
CA PRO D 146 2.91 30.57 14.32
C PRO D 146 4.17 29.76 14.12
N ARG D 147 4.71 29.83 12.91
CA ARG D 147 5.96 29.20 12.64
C ARG D 147 7.03 30.25 12.34
N VAL D 148 8.09 30.29 13.15
CA VAL D 148 9.16 31.24 12.93
C VAL D 148 10.39 30.53 12.40
N THR D 149 10.96 31.01 11.28
CA THR D 149 12.17 30.43 10.71
C THR D 149 13.18 31.56 10.56
N ARG D 150 14.38 31.39 11.10
CA ARG D 150 15.42 32.41 11.01
C ARG D 150 16.54 31.93 10.09
N PHE D 151 17.15 32.84 9.33
CA PHE D 151 18.21 32.52 8.40
C PHE D 151 19.45 33.34 8.69
N HIS D 152 20.63 32.76 8.48
CA HIS D 152 21.87 33.46 8.69
C HIS D 152 22.16 34.37 7.49
N ILE D 153 22.34 35.68 7.74
CA ILE D 153 22.62 36.65 6.68
C ILE D 153 23.91 37.47 7.01
N ASN D 154 24.38 38.29 6.07
CA ASN D 154 25.55 39.15 6.24
C ASN D 154 25.10 40.49 6.83
N TRP D 155 25.43 40.73 8.10
CA TRP D 155 25.07 42.01 8.74
C TRP D 155 26.26 42.96 8.79
N GLU D 156 27.37 42.68 8.08
CA GLU D 156 28.60 43.47 8.12
C GLU D 156 28.71 44.56 7.05
N ASP D 157 29.24 45.72 7.47
CA ASP D 157 29.45 46.89 6.63
C ASP D 157 30.92 47.01 6.29
N ALA E 4 8.36 0.55 15.79
CA ALA E 4 8.27 -0.39 16.91
C ALA E 4 9.57 -0.47 17.71
N LYS E 5 9.49 -0.66 19.03
CA LYS E 5 10.67 -0.78 19.87
C LYS E 5 11.12 -2.23 20.07
N VAL E 6 10.22 -3.22 19.85
CA VAL E 6 10.54 -4.63 20.00
C VAL E 6 10.16 -5.40 18.73
N GLN E 7 11.11 -6.15 18.17
CA GLN E 7 10.85 -6.95 16.99
C GLN E 7 11.23 -8.39 17.24
N VAL E 8 10.27 -9.31 17.10
CA VAL E 8 10.54 -10.71 17.30
C VAL E 8 11.18 -11.26 16.04
N ASN E 9 12.43 -11.73 16.15
CA ASN E 9 13.19 -12.24 15.01
C ASN E 9 12.88 -13.70 14.67
N ASN E 10 12.78 -14.55 15.69
CA ASN E 10 12.62 -15.98 15.44
C ASN E 10 11.96 -16.70 16.60
N VAL E 11 11.21 -17.77 16.28
CA VAL E 11 10.56 -18.64 17.25
C VAL E 11 10.88 -20.09 16.84
N VAL E 12 11.42 -20.90 17.75
CA VAL E 12 11.77 -22.29 17.43
C VAL E 12 10.91 -23.24 18.23
N VAL E 13 10.21 -24.17 17.57
CA VAL E 13 9.36 -25.13 18.29
C VAL E 13 10.21 -26.31 18.78
N LEU E 14 10.34 -26.45 20.10
CA LEU E 14 11.14 -27.53 20.68
C LEU E 14 10.25 -28.72 21.10
N ASP E 15 10.85 -29.94 21.25
CA ASP E 15 10.15 -31.16 21.69
C ASP E 15 8.90 -31.40 20.83
N ASN E 16 9.09 -31.54 19.52
CA ASN E 16 7.96 -31.70 18.61
C ASN E 16 8.20 -32.74 17.52
N PRO E 17 7.25 -33.66 17.25
CA PRO E 17 6.00 -33.88 18.00
C PRO E 17 6.26 -34.47 19.40
N SER E 18 5.26 -34.45 20.24
CA SER E 18 5.39 -34.92 21.60
C SER E 18 4.02 -35.38 22.10
N PRO E 19 3.94 -36.20 23.19
CA PRO E 19 2.65 -36.54 23.75
C PRO E 19 1.85 -35.28 24.11
N PHE E 20 0.51 -35.31 23.97
CA PHE E 20 -0.37 -34.19 24.27
C PHE E 20 -0.04 -33.50 25.59
N TYR E 21 0.21 -34.28 26.62
CA TYR E 21 0.45 -33.83 27.98
C TYR E 21 1.82 -33.15 28.25
N ASN E 22 2.79 -33.28 27.33
CA ASN E 22 4.08 -32.61 27.48
C ASN E 22 3.88 -31.10 27.41
N PRO E 23 4.62 -30.32 28.22
CA PRO E 23 4.50 -28.87 28.12
C PRO E 23 5.05 -28.34 26.79
N PHE E 24 4.52 -27.20 26.34
CA PHE E 24 4.96 -26.52 25.14
C PHE E 24 6.32 -25.89 25.41
N GLN E 25 7.17 -25.84 24.39
CA GLN E 25 8.48 -25.22 24.53
C GLN E 25 8.81 -24.45 23.29
N PHE E 26 8.95 -23.14 23.40
CA PHE E 26 9.31 -22.30 22.27
C PHE E 26 10.56 -21.52 22.60
N GLU E 27 11.57 -21.53 21.72
CA GLU E 27 12.82 -20.78 21.89
C GLU E 27 12.65 -19.45 21.15
N ILE E 28 12.32 -18.38 21.89
CA ILE E 28 12.00 -17.05 21.35
C ILE E 28 13.18 -16.09 21.29
N THR E 29 13.48 -15.53 20.12
CA THR E 29 14.55 -14.57 19.93
C THR E 29 14.00 -13.21 19.47
N PHE E 30 14.28 -12.16 20.23
CA PHE E 30 13.79 -10.83 19.87
C PHE E 30 14.87 -9.76 19.99
N GLU E 31 14.73 -8.72 19.20
CA GLU E 31 15.62 -7.58 19.23
C GLU E 31 14.84 -6.44 19.91
N CYS E 32 15.57 -5.50 20.51
CA CYS E 32 14.95 -4.36 21.17
C CYS E 32 15.70 -3.10 20.78
N ILE E 33 15.03 -2.18 20.10
CA ILE E 33 15.65 -0.97 19.58
C ILE E 33 15.99 0.05 20.67
N GLU E 34 15.03 0.36 21.54
CA GLU E 34 15.27 1.29 22.66
C GLU E 34 15.11 0.59 24.01
N ASP E 35 15.74 1.15 25.07
CA ASP E 35 15.61 0.62 26.43
C ASP E 35 14.16 0.79 26.90
N LEU E 36 13.42 -0.32 27.07
CA LEU E 36 12.02 -0.25 27.51
C LEU E 36 11.90 0.04 29.00
N SER E 37 10.98 0.94 29.35
CA SER E 37 10.74 1.27 30.75
C SER E 37 9.84 0.19 31.38
N GLU E 38 8.80 -0.23 30.65
CA GLU E 38 7.87 -1.23 31.14
C GLU E 38 8.37 -2.65 30.82
N ASP E 39 7.52 -3.65 31.11
CA ASP E 39 7.81 -5.06 30.91
C ASP E 39 7.03 -5.64 29.71
N LEU E 40 7.64 -6.60 29.03
CA LEU E 40 6.99 -7.28 27.94
C LEU E 40 6.24 -8.46 28.55
N GLU E 41 4.96 -8.62 28.21
CA GLU E 41 4.15 -9.71 28.75
C GLU E 41 3.94 -10.76 27.68
N TRP E 42 4.57 -11.91 27.84
CA TRP E 42 4.46 -13.00 26.88
C TRP E 42 3.41 -13.99 27.34
N LYS E 43 2.58 -14.47 26.41
CA LYS E 43 1.53 -15.44 26.73
C LYS E 43 1.53 -16.57 25.71
N ILE E 44 1.10 -17.76 26.14
CA ILE E 44 0.90 -18.88 25.24
C ILE E 44 -0.55 -19.22 25.46
N ILE E 45 -1.36 -19.05 24.45
CA ILE E 45 -2.79 -19.28 24.55
C ILE E 45 -3.16 -20.45 23.68
N TYR E 46 -3.86 -21.44 24.24
CA TYR E 46 -4.28 -22.61 23.50
C TYR E 46 -5.69 -22.40 23.01
N VAL E 47 -5.93 -22.50 21.68
CA VAL E 47 -7.29 -22.38 21.15
C VAL E 47 -7.99 -23.72 21.37
N GLY E 48 -8.65 -23.86 22.51
CA GLY E 48 -9.36 -25.09 22.83
C GLY E 48 -10.50 -25.38 21.88
N SER E 49 -11.12 -24.32 21.34
CA SER E 49 -12.17 -24.49 20.34
C SER E 49 -12.15 -23.37 19.30
N ALA E 50 -12.08 -23.78 18.02
CA ALA E 50 -12.16 -22.88 16.89
C ALA E 50 -13.49 -22.12 16.89
N GLU E 51 -14.55 -22.74 17.38
CA GLU E 51 -15.90 -22.22 17.41
C GLU E 51 -16.09 -21.07 18.35
N SER E 52 -15.38 -21.06 19.48
CA SER E 52 -15.51 -19.98 20.44
C SER E 52 -14.25 -19.65 21.19
N GLU E 53 -14.03 -18.37 21.36
CA GLU E 53 -12.92 -17.80 22.09
C GLU E 53 -13.02 -18.16 23.61
N GLU E 54 -14.22 -18.50 24.11
CA GLU E 54 -14.43 -18.87 25.50
C GLU E 54 -13.68 -20.13 25.91
N TYR E 55 -13.28 -20.97 24.95
CA TYR E 55 -12.57 -22.20 25.24
C TYR E 55 -11.05 -22.04 25.16
N ASP E 56 -10.55 -20.80 25.05
CA ASP E 56 -9.12 -20.49 25.05
C ASP E 56 -8.57 -20.73 26.44
N GLN E 57 -7.36 -21.29 26.52
CA GLN E 57 -6.71 -21.53 27.80
C GLN E 57 -5.35 -20.84 27.79
N VAL E 58 -5.13 -19.87 28.68
CA VAL E 58 -3.85 -19.20 28.77
C VAL E 58 -2.91 -20.12 29.51
N LEU E 59 -2.09 -20.88 28.81
CA LEU E 59 -1.19 -21.85 29.40
C LEU E 59 -0.16 -21.23 30.34
N ASP E 60 0.31 -20.01 30.05
CA ASP E 60 1.21 -19.26 30.93
C ASP E 60 1.30 -17.79 30.51
N SER E 61 1.54 -16.90 31.47
CA SER E 61 1.69 -15.47 31.24
C SER E 61 2.97 -15.03 31.99
N VAL E 62 3.96 -14.52 31.26
CA VAL E 62 5.25 -14.17 31.80
C VAL E 62 5.64 -12.70 31.59
N LEU E 63 6.19 -12.05 32.62
CA LEU E 63 6.63 -10.67 32.51
C LEU E 63 8.16 -10.63 32.40
N VAL E 64 8.67 -10.23 31.24
CA VAL E 64 10.10 -10.15 30.97
C VAL E 64 10.54 -8.70 31.01
N GLY E 65 11.45 -8.36 31.92
CA GLY E 65 11.95 -7.01 32.01
C GLY E 65 12.59 -6.64 33.34
N PRO E 66 13.25 -5.45 33.43
CA PRO E 66 13.46 -4.40 32.41
C PRO E 66 14.11 -4.91 31.14
N VAL E 67 13.75 -4.34 29.97
CA VAL E 67 14.31 -4.78 28.70
C VAL E 67 15.31 -3.79 28.11
N PRO E 68 16.63 -4.03 28.25
CA PRO E 68 17.61 -3.12 27.62
C PRO E 68 17.70 -3.37 26.10
N ALA E 69 18.23 -2.40 25.35
CA ALA E 69 18.35 -2.52 23.90
C ALA E 69 19.32 -3.66 23.55
N GLY E 70 18.94 -4.52 22.62
CA GLY E 70 19.78 -5.64 22.22
C GLY E 70 19.02 -6.88 21.80
N ARG E 71 19.75 -7.96 21.48
CA ARG E 71 19.12 -9.22 21.08
C ARG E 71 19.12 -10.17 22.26
N HIS E 72 17.93 -10.64 22.66
CA HIS E 72 17.79 -11.56 23.79
C HIS E 72 17.04 -12.82 23.36
N MET E 73 17.30 -13.94 24.04
CA MET E 73 16.69 -15.21 23.72
C MET E 73 16.31 -15.96 24.98
N PHE E 74 15.16 -16.62 24.98
CA PHE E 74 14.70 -17.38 26.12
C PHE E 74 13.79 -18.53 25.71
N VAL E 75 13.68 -19.55 26.55
CA VAL E 75 12.80 -20.67 26.27
C VAL E 75 11.51 -20.51 27.09
N PHE E 76 10.40 -20.26 26.39
CA PHE E 76 9.11 -20.08 27.03
C PHE E 76 8.47 -21.46 27.16
N GLN E 77 8.36 -21.96 28.40
CA GLN E 77 7.75 -23.26 28.64
C GLN E 77 6.41 -23.08 29.35
N ALA E 78 5.38 -23.81 28.91
CA ALA E 78 4.05 -23.71 29.51
C ALA E 78 3.39 -25.08 29.54
N ASP E 79 2.72 -25.43 30.65
CA ASP E 79 2.04 -26.72 30.78
C ASP E 79 0.94 -26.92 29.73
N ALA E 80 0.73 -28.18 29.33
CA ALA E 80 -0.26 -28.54 28.34
C ALA E 80 -1.67 -28.14 28.78
N PRO E 81 -2.60 -27.89 27.85
CA PRO E 81 -3.96 -27.49 28.25
C PRO E 81 -4.69 -28.55 29.06
N ASN E 82 -5.71 -28.12 29.80
CA ASN E 82 -6.57 -28.98 30.60
C ASN E 82 -7.57 -29.60 29.64
N PRO E 83 -7.52 -30.93 29.45
CA PRO E 83 -8.46 -31.56 28.52
C PRO E 83 -9.93 -31.44 28.92
N GLY E 84 -10.18 -31.28 30.22
CA GLY E 84 -11.50 -31.12 30.77
C GLY E 84 -12.25 -29.91 30.26
N LEU E 85 -11.55 -28.96 29.65
CA LEU E 85 -12.19 -27.75 29.12
C LEU E 85 -12.21 -27.76 27.59
N ILE E 86 -11.71 -28.82 26.93
CA ILE E 86 -11.72 -28.91 25.47
C ILE E 86 -12.94 -29.68 24.97
N PRO E 87 -13.76 -29.04 24.12
CA PRO E 87 -14.90 -29.75 23.51
C PRO E 87 -14.40 -30.98 22.75
N ASP E 88 -15.02 -32.16 22.96
CA ASP E 88 -14.61 -33.41 22.31
C ASP E 88 -14.40 -33.26 20.79
N ALA E 89 -15.35 -32.57 20.11
CA ALA E 89 -15.26 -32.38 18.67
C ALA E 89 -14.03 -31.67 18.20
N ASP E 90 -13.41 -30.86 19.07
CA ASP E 90 -12.21 -30.10 18.74
C ASP E 90 -10.92 -30.73 19.25
N ALA E 91 -11.01 -31.81 20.05
CA ALA E 91 -9.84 -32.45 20.64
C ALA E 91 -8.91 -33.09 19.61
N VAL E 92 -9.43 -33.88 18.67
CA VAL E 92 -8.64 -34.56 17.65
C VAL E 92 -8.63 -33.77 16.31
N GLY E 93 -7.46 -33.62 15.72
CA GLY E 93 -7.28 -32.89 14.48
C GLY E 93 -6.65 -31.54 14.70
N VAL E 94 -6.73 -30.68 13.67
CA VAL E 94 -6.15 -29.34 13.69
C VAL E 94 -6.84 -28.35 14.64
N THR E 95 -6.02 -27.60 15.35
CA THR E 95 -6.31 -26.46 16.22
C THR E 95 -5.11 -25.47 16.08
N VAL E 96 -4.98 -24.47 16.98
CA VAL E 96 -3.94 -23.46 16.93
C VAL E 96 -3.44 -23.17 18.34
N VAL E 97 -2.16 -22.98 18.51
CA VAL E 97 -1.57 -22.47 19.74
C VAL E 97 -1.03 -21.06 19.34
N LEU E 98 -1.24 -20.05 20.21
CA LEU E 98 -0.82 -18.67 19.95
C LEU E 98 0.25 -18.25 20.94
N ILE E 99 1.21 -17.46 20.49
CA ILE E 99 2.25 -16.89 21.36
C ILE E 99 2.10 -15.39 21.13
N THR E 100 1.68 -14.66 22.17
CA THR E 100 1.49 -13.22 22.01
C THR E 100 2.42 -12.41 22.89
N CYS E 101 2.82 -11.23 22.41
CA CYS E 101 3.62 -10.32 23.22
C CYS E 101 2.88 -8.99 23.37
N THR E 102 2.84 -8.51 24.59
CA THR E 102 2.08 -7.33 24.98
C THR E 102 3.02 -6.29 25.55
N TYR E 103 2.85 -5.03 25.19
CA TYR E 103 3.63 -3.95 25.78
C TYR E 103 2.65 -2.92 26.28
N ARG E 104 2.71 -2.62 27.59
CA ARG E 104 1.82 -1.66 28.23
C ARG E 104 0.35 -2.02 28.07
N GLY E 105 0.06 -3.32 28.06
CA GLY E 105 -1.31 -3.78 27.89
C GLY E 105 -1.79 -3.86 26.47
N GLN E 106 -0.93 -3.51 25.49
CA GLN E 106 -1.29 -3.54 24.09
C GLN E 106 -0.55 -4.68 23.37
N GLU E 107 -1.30 -5.63 22.82
CA GLU E 107 -0.70 -6.74 22.09
C GLU E 107 -0.18 -6.21 20.76
N PHE E 108 1.11 -6.46 20.48
CA PHE E 108 1.73 -6.00 19.24
C PHE E 108 2.10 -7.12 18.28
N ILE E 109 2.23 -8.37 18.74
CA ILE E 109 2.56 -9.49 17.88
C ILE E 109 1.90 -10.75 18.36
N ARG E 110 1.32 -11.51 17.40
CA ARG E 110 0.65 -12.77 17.69
C ARG E 110 1.22 -13.77 16.70
N VAL E 111 1.98 -14.76 17.21
CA VAL E 111 2.56 -15.82 16.39
C VAL E 111 1.71 -17.05 16.59
N GLY E 112 1.10 -17.55 15.53
CA GLY E 112 0.24 -18.72 15.62
C GLY E 112 0.83 -19.92 14.93
N TYR E 113 0.59 -21.09 15.49
CA TYR E 113 1.05 -22.35 14.91
C TYR E 113 -0.15 -23.25 14.85
N TYR E 114 -0.35 -23.92 13.70
CA TYR E 114 -1.44 -24.88 13.60
C TYR E 114 -0.92 -26.14 14.28
N VAL E 115 -1.74 -26.79 15.09
CA VAL E 115 -1.35 -27.97 15.86
C VAL E 115 -2.27 -29.10 15.45
N ASN E 116 -1.74 -30.28 15.11
CA ASN E 116 -2.58 -31.41 14.75
C ASN E 116 -2.44 -32.51 15.79
N ASN E 117 -3.48 -32.72 16.62
CA ASN E 117 -3.49 -33.78 17.64
C ASN E 117 -4.00 -35.07 16.99
N GLU E 118 -3.22 -36.12 17.03
CA GLU E 118 -3.53 -37.37 16.34
C GLU E 118 -3.20 -38.56 17.18
N TYR E 119 -3.97 -39.64 17.05
CA TYR E 119 -3.64 -40.86 17.78
C TYR E 119 -2.40 -41.51 17.15
N THR E 120 -1.62 -42.20 17.96
CA THR E 120 -0.38 -42.82 17.49
C THR E 120 -0.61 -44.24 17.00
N GLU E 121 -1.62 -44.95 17.56
CA GLU E 121 -1.92 -46.30 17.11
C GLU E 121 -2.76 -46.20 15.84
N THR E 122 -2.46 -47.02 14.84
CA THR E 122 -3.22 -47.04 13.60
C THR E 122 -4.71 -47.35 13.83
N GLU E 123 -5.04 -48.32 14.71
CA GLU E 123 -6.42 -48.65 15.06
C GLU E 123 -7.17 -47.39 15.52
N LEU E 124 -6.59 -46.66 16.47
CA LEU E 124 -7.24 -45.49 17.01
C LEU E 124 -7.34 -44.38 15.98
N ARG E 125 -6.38 -44.26 15.05
CA ARG E 125 -6.44 -43.24 14.02
C ARG E 125 -7.64 -43.54 13.10
N GLU E 126 -7.76 -44.81 12.63
CA GLU E 126 -8.85 -45.23 11.74
C GLU E 126 -10.18 -45.04 12.47
N ASN E 127 -10.37 -45.72 13.61
CA ASN E 127 -11.59 -45.57 14.39
C ASN E 127 -11.34 -44.97 15.81
N PRO E 128 -11.45 -43.64 15.91
CA PRO E 128 -11.22 -42.96 17.18
C PRO E 128 -12.27 -43.24 18.28
N PRO E 129 -11.83 -43.17 19.56
CA PRO E 129 -12.75 -43.36 20.68
C PRO E 129 -13.90 -42.35 20.68
N VAL E 130 -15.03 -42.73 21.32
CA VAL E 130 -16.21 -41.86 21.41
C VAL E 130 -15.87 -40.59 22.18
N LYS E 131 -15.15 -40.74 23.27
CA LYS E 131 -14.66 -39.63 24.07
C LYS E 131 -13.15 -39.65 23.86
N PRO E 132 -12.56 -38.50 23.50
CA PRO E 132 -11.11 -38.47 23.23
C PRO E 132 -10.25 -38.97 24.38
N ASP E 133 -9.17 -39.67 24.03
CA ASP E 133 -8.22 -40.21 24.98
C ASP E 133 -6.94 -39.42 24.85
N PHE E 134 -6.81 -38.33 25.62
CA PHE E 134 -5.64 -37.45 25.57
C PHE E 134 -4.33 -38.13 25.93
N SER E 135 -4.38 -39.26 26.66
CA SER E 135 -3.18 -40.02 26.98
C SER E 135 -2.65 -40.80 25.78
N LYS E 136 -3.44 -40.99 24.71
CA LYS E 136 -3.00 -41.68 23.49
C LYS E 136 -2.84 -40.68 22.31
N LEU E 137 -3.10 -39.37 22.53
CA LEU E 137 -2.98 -38.34 21.50
C LEU E 137 -1.58 -37.80 21.52
N GLN E 138 -1.04 -37.53 20.30
CA GLN E 138 0.26 -36.93 20.05
C GLN E 138 0.01 -35.55 19.45
N ARG E 139 0.80 -34.55 19.88
CA ARG E 139 0.67 -33.20 19.40
C ARG E 139 1.70 -32.98 18.36
N ASN E 140 1.27 -32.81 17.10
CA ASN E 140 2.20 -32.51 16.03
C ASN E 140 2.01 -31.05 15.59
N ILE E 141 2.84 -30.13 16.10
CA ILE E 141 2.76 -28.70 15.76
C ILE E 141 3.32 -28.52 14.34
N LEU E 142 2.60 -27.82 13.44
CA LEU E 142 3.09 -27.58 12.08
C LEU E 142 4.10 -26.42 12.20
N ALA E 143 5.33 -26.74 12.61
CA ALA E 143 6.32 -25.76 12.93
C ALA E 143 7.06 -25.18 11.75
N SER E 144 6.98 -25.81 10.56
CA SER E 144 7.64 -25.22 9.37
C SER E 144 6.79 -24.07 8.80
N ASN E 145 5.52 -23.88 9.28
CA ASN E 145 4.63 -22.84 8.77
C ASN E 145 4.03 -21.96 9.86
N PRO E 146 4.86 -21.11 10.48
CA PRO E 146 4.32 -20.18 11.48
C PRO E 146 3.56 -19.04 10.81
N ARG E 147 2.49 -18.57 11.45
CA ARG E 147 1.70 -17.48 10.92
C ARG E 147 1.83 -16.27 11.87
N VAL E 148 2.44 -15.18 11.41
CA VAL E 148 2.68 -14.00 12.26
C VAL E 148 1.71 -12.86 11.92
N THR E 149 1.14 -12.22 12.95
CA THR E 149 0.27 -11.07 12.76
C THR E 149 0.83 -9.95 13.63
N ARG E 150 1.09 -8.77 13.05
CA ARG E 150 1.61 -7.64 13.80
C ARG E 150 0.53 -6.57 13.94
N PHE E 151 0.51 -5.87 15.07
CA PHE E 151 -0.45 -4.81 15.32
C PHE E 151 0.27 -3.52 15.67
N HIS E 152 -0.28 -2.38 15.25
CA HIS E 152 0.32 -1.10 15.58
C HIS E 152 -0.05 -0.72 17.01
N ILE E 153 0.94 -0.43 17.87
CA ILE E 153 0.69 -0.05 19.27
C ILE E 153 1.40 1.28 19.62
N ASN E 154 1.13 1.83 20.81
CA ASN E 154 1.74 3.06 21.30
C ASN E 154 3.01 2.71 22.05
N TRP E 155 4.17 3.06 21.47
CA TRP E 155 5.45 2.81 22.13
C TRP E 155 5.97 4.08 22.86
N GLU E 156 5.26 5.23 22.76
CA GLU E 156 5.61 6.52 23.37
C GLU E 156 5.29 6.62 24.89
N ASP E 157 5.62 7.79 25.55
CA ASP E 157 5.33 8.10 26.96
C ASP E 157 4.91 9.59 27.12
N ALA F 4 -28.71 -35.26 -8.11
CA ALA F 4 -27.38 -35.81 -8.38
C ALA F 4 -27.43 -37.33 -8.50
N LYS F 5 -26.58 -37.91 -9.36
CA LYS F 5 -26.57 -39.37 -9.56
C LYS F 5 -25.49 -40.10 -8.75
N VAL F 6 -24.47 -39.38 -8.28
CA VAL F 6 -23.38 -39.98 -7.51
C VAL F 6 -23.22 -39.20 -6.21
N GLN F 7 -23.13 -39.90 -5.09
CA GLN F 7 -22.96 -39.25 -3.80
C GLN F 7 -21.74 -39.86 -3.10
N VAL F 8 -20.69 -39.05 -2.79
CA VAL F 8 -19.53 -39.62 -2.11
C VAL F 8 -19.80 -39.65 -0.61
N ASN F 9 -19.88 -40.86 -0.03
CA ASN F 9 -20.21 -41.04 1.38
C ASN F 9 -19.01 -40.90 2.29
N ASN F 10 -17.86 -41.48 1.89
CA ASN F 10 -16.72 -41.51 2.78
C ASN F 10 -15.40 -41.68 2.04
N VAL F 11 -14.32 -41.08 2.58
CA VAL F 11 -12.97 -41.21 2.09
C VAL F 11 -12.09 -41.53 3.31
N VAL F 12 -11.31 -42.61 3.24
CA VAL F 12 -10.47 -43.02 4.35
C VAL F 12 -9.01 -42.90 3.93
N VAL F 13 -8.18 -42.16 4.70
CA VAL F 13 -6.76 -42.03 4.36
C VAL F 13 -5.98 -43.23 4.89
N LEU F 14 -5.43 -44.04 3.98
CA LEU F 14 -4.68 -45.23 4.36
C LEU F 14 -3.17 -44.97 4.36
N ASP F 15 -2.40 -45.82 5.09
CA ASP F 15 -0.92 -45.74 5.17
C ASP F 15 -0.50 -44.30 5.53
N ASN F 16 -0.99 -43.80 6.68
CA ASN F 16 -0.73 -42.43 7.10
C ASN F 16 -0.43 -42.33 8.58
N PRO F 17 0.68 -41.70 8.98
CA PRO F 17 1.71 -41.10 8.11
C PRO F 17 2.61 -42.14 7.46
N SER F 18 3.36 -41.72 6.44
CA SER F 18 4.22 -42.63 5.69
C SER F 18 5.39 -41.88 5.11
N PRO F 19 6.49 -42.55 4.70
CA PRO F 19 7.57 -41.84 4.00
C PRO F 19 7.05 -41.09 2.78
N PHE F 20 7.64 -39.93 2.47
CA PHE F 20 7.24 -39.08 1.34
C PHE F 20 6.98 -39.88 0.04
N TYR F 21 7.90 -40.80 -0.25
CA TYR F 21 7.91 -41.59 -1.48
C TYR F 21 6.84 -42.69 -1.58
N ASN F 22 6.15 -43.06 -0.47
CA ASN F 22 5.08 -44.06 -0.52
C ASN F 22 3.92 -43.52 -1.33
N PRO F 23 3.25 -44.37 -2.12
CA PRO F 23 2.08 -43.89 -2.87
C PRO F 23 0.91 -43.56 -1.95
N PHE F 24 0.06 -42.64 -2.39
CA PHE F 24 -1.14 -42.22 -1.69
C PHE F 24 -2.16 -43.34 -1.79
N GLN F 25 -2.96 -43.52 -0.75
CA GLN F 25 -3.98 -44.55 -0.74
C GLN F 25 -5.23 -44.03 -0.07
N PHE F 26 -6.32 -43.91 -0.82
CA PHE F 26 -7.58 -43.46 -0.25
C PHE F 26 -8.64 -44.50 -0.51
N GLU F 27 -9.35 -44.95 0.52
CA GLU F 27 -10.45 -45.90 0.36
C GLU F 27 -11.73 -45.07 0.17
N ILE F 28 -12.25 -44.98 -1.07
CA ILE F 28 -13.45 -44.21 -1.43
C ILE F 28 -14.73 -45.06 -1.43
N THR F 29 -15.72 -44.67 -0.64
CA THR F 29 -17.00 -45.37 -0.51
C THR F 29 -18.10 -44.45 -1.04
N PHE F 30 -18.58 -44.69 -2.27
CA PHE F 30 -19.59 -43.81 -2.87
C PHE F 30 -20.85 -44.56 -3.32
N GLU F 31 -21.98 -43.84 -3.46
CA GLU F 31 -23.23 -44.45 -3.85
C GLU F 31 -23.73 -43.95 -5.19
N CYS F 32 -24.39 -44.83 -5.95
CA CYS F 32 -24.93 -44.47 -7.25
C CYS F 32 -26.44 -44.62 -7.30
N ILE F 33 -27.13 -43.51 -7.53
CA ILE F 33 -28.58 -43.50 -7.57
C ILE F 33 -29.12 -44.13 -8.85
N GLU F 34 -28.64 -43.68 -10.02
CA GLU F 34 -29.07 -44.26 -11.30
C GLU F 34 -27.91 -44.96 -12.02
N ASP F 35 -28.21 -45.89 -12.94
CA ASP F 35 -27.19 -46.56 -13.74
C ASP F 35 -26.54 -45.53 -14.67
N LEU F 36 -25.26 -45.18 -14.45
CA LEU F 36 -24.57 -44.18 -15.27
C LEU F 36 -24.20 -44.72 -16.65
N SER F 37 -24.47 -43.92 -17.69
CA SER F 37 -24.09 -44.30 -19.05
C SER F 37 -22.60 -43.97 -19.25
N GLU F 38 -22.16 -42.80 -18.78
CA GLU F 38 -20.75 -42.39 -18.90
C GLU F 38 -19.88 -42.90 -17.73
N ASP F 39 -18.55 -42.68 -17.78
CA ASP F 39 -17.62 -43.12 -16.75
C ASP F 39 -17.28 -42.01 -15.76
N LEU F 40 -16.99 -42.37 -14.49
CA LEU F 40 -16.61 -41.41 -13.46
C LEU F 40 -15.10 -41.26 -13.47
N GLU F 41 -14.58 -40.05 -13.68
CA GLU F 41 -13.16 -39.83 -13.74
C GLU F 41 -12.61 -39.33 -12.41
N TRP F 42 -11.91 -40.20 -11.68
CA TRP F 42 -11.32 -39.82 -10.40
C TRP F 42 -9.88 -39.36 -10.59
N LYS F 43 -9.45 -38.30 -9.90
CA LYS F 43 -8.09 -37.80 -9.97
C LYS F 43 -7.52 -37.53 -8.59
N ILE F 44 -6.21 -37.67 -8.44
CA ILE F 44 -5.50 -37.31 -7.22
C ILE F 44 -4.52 -36.25 -7.67
N ILE F 45 -4.69 -35.01 -7.23
CA ILE F 45 -3.82 -33.91 -7.65
C ILE F 45 -2.99 -33.41 -6.47
N TYR F 46 -1.67 -33.36 -6.64
CA TYR F 46 -0.78 -32.90 -5.59
C TYR F 46 -0.49 -31.42 -5.82
N VAL F 47 -0.77 -30.56 -4.83
CA VAL F 47 -0.48 -29.14 -4.98
C VAL F 47 1.00 -28.94 -4.65
N GLY F 48 1.84 -29.04 -5.68
CA GLY F 48 3.29 -28.91 -5.55
C GLY F 48 3.69 -27.55 -5.02
N SER F 49 2.92 -26.52 -5.40
CA SER F 49 3.15 -25.19 -4.90
C SER F 49 1.85 -24.40 -4.69
N ALA F 50 1.68 -23.89 -3.47
CA ALA F 50 0.56 -23.02 -3.13
C ALA F 50 0.58 -21.74 -3.99
N GLU F 51 1.76 -21.28 -4.38
CA GLU F 51 1.97 -20.07 -5.16
C GLU F 51 1.46 -20.16 -6.59
N SER F 52 1.52 -21.35 -7.20
CA SER F 52 1.05 -21.51 -8.57
C SER F 52 0.48 -22.86 -8.88
N GLU F 53 -0.60 -22.84 -9.66
CA GLU F 53 -1.29 -24.01 -10.15
C GLU F 53 -0.40 -24.82 -11.15
N GLU F 54 0.62 -24.15 -11.76
CA GLU F 54 1.53 -24.80 -12.69
C GLU F 54 2.37 -25.90 -12.05
N TYR F 55 2.51 -25.90 -10.73
CA TYR F 55 3.30 -26.91 -10.04
C TYR F 55 2.45 -28.08 -9.54
N ASP F 56 1.16 -28.15 -9.95
CA ASP F 56 0.27 -29.26 -9.61
C ASP F 56 0.70 -30.48 -10.35
N GLN F 57 0.67 -31.64 -9.70
CA GLN F 57 1.01 -32.90 -10.33
C GLN F 57 -0.18 -33.82 -10.22
N VAL F 58 -0.77 -34.23 -11.36
CA VAL F 58 -1.90 -35.16 -11.32
C VAL F 58 -1.28 -36.52 -11.12
N LEU F 59 -1.27 -37.01 -9.89
CA LEU F 59 -0.64 -38.28 -9.52
C LEU F 59 -1.24 -39.47 -10.26
N ASP F 60 -2.56 -39.44 -10.54
CA ASP F 60 -3.24 -40.47 -11.33
C ASP F 60 -4.65 -40.02 -11.74
N SER F 61 -5.12 -40.51 -12.89
CA SER F 61 -6.44 -40.21 -13.41
C SER F 61 -7.07 -41.55 -13.81
N VAL F 62 -8.18 -41.91 -13.17
CA VAL F 62 -8.81 -43.21 -13.35
C VAL F 62 -10.26 -43.12 -13.85
N LEU F 63 -10.61 -43.96 -14.84
CA LEU F 63 -11.98 -44.02 -15.35
C LEU F 63 -12.66 -45.26 -14.80
N VAL F 64 -13.66 -45.08 -13.93
CA VAL F 64 -14.42 -46.18 -13.31
C VAL F 64 -15.78 -46.30 -14.00
N GLY F 65 -16.06 -47.44 -14.64
CA GLY F 65 -17.35 -47.62 -15.29
C GLY F 65 -17.41 -48.71 -16.35
N PRO F 66 -18.63 -49.09 -16.83
CA PRO F 66 -19.97 -48.60 -16.48
C PRO F 66 -20.29 -48.68 -14.99
N VAL F 67 -21.05 -47.68 -14.47
CA VAL F 67 -21.37 -47.63 -13.05
C VAL F 67 -22.81 -47.99 -12.76
N PRO F 68 -23.11 -49.22 -12.32
CA PRO F 68 -24.50 -49.57 -11.99
C PRO F 68 -24.93 -48.96 -10.64
N ALA F 69 -26.24 -48.84 -10.42
CA ALA F 69 -26.76 -48.27 -9.18
C ALA F 69 -26.39 -49.17 -7.98
N GLY F 70 -25.97 -48.57 -6.86
CA GLY F 70 -25.61 -49.33 -5.68
C GLY F 70 -24.41 -48.80 -4.94
N ARG F 71 -23.96 -49.49 -3.87
CA ARG F 71 -22.81 -49.02 -3.09
C ARG F 71 -21.50 -49.55 -3.66
N HIS F 72 -20.58 -48.63 -3.97
CA HIS F 72 -19.29 -49.03 -4.48
C HIS F 72 -18.18 -48.55 -3.58
N MET F 73 -17.12 -49.34 -3.49
CA MET F 73 -15.95 -48.98 -2.71
C MET F 73 -14.69 -49.46 -3.40
N PHE F 74 -13.67 -48.62 -3.43
CA PHE F 74 -12.41 -48.96 -4.06
C PHE F 74 -11.26 -48.20 -3.41
N VAL F 75 -10.05 -48.75 -3.53
CA VAL F 75 -8.87 -48.09 -3.01
C VAL F 75 -8.14 -47.39 -4.16
N PHE F 76 -8.14 -46.05 -4.16
CA PHE F 76 -7.48 -45.26 -5.18
C PHE F 76 -6.05 -45.08 -4.78
N GLN F 77 -5.13 -45.73 -5.51
CA GLN F 77 -3.72 -45.62 -5.21
C GLN F 77 -3.02 -44.83 -6.31
N ALA F 78 -2.14 -43.90 -5.92
CA ALA F 78 -1.41 -43.07 -6.88
C ALA F 78 0.01 -42.85 -6.39
N ASP F 79 1.00 -42.95 -7.29
CA ASP F 79 2.40 -42.74 -6.92
C ASP F 79 2.68 -41.36 -6.37
N ALA F 80 3.64 -41.27 -5.45
CA ALA F 80 4.02 -40.02 -4.81
C ALA F 80 4.51 -39.01 -5.85
N PRO F 81 4.36 -37.69 -5.58
CA PRO F 81 4.81 -36.70 -6.57
C PRO F 81 6.30 -36.75 -6.87
N ASN F 82 6.68 -36.20 -8.03
CA ASN F 82 8.06 -36.11 -8.46
C ASN F 82 8.67 -34.93 -7.73
N PRO F 83 9.63 -35.17 -6.84
CA PRO F 83 10.23 -34.04 -6.09
C PRO F 83 10.96 -33.03 -6.97
N GLY F 84 11.44 -33.48 -8.12
CA GLY F 84 12.15 -32.63 -9.07
C GLY F 84 11.33 -31.49 -9.64
N LEU F 85 10.00 -31.54 -9.45
CA LEU F 85 9.13 -30.47 -9.92
C LEU F 85 8.59 -29.62 -8.76
N ILE F 86 8.96 -29.92 -7.51
CA ILE F 86 8.48 -29.18 -6.36
C ILE F 86 9.48 -28.08 -5.96
N PRO F 87 9.01 -26.83 -5.90
CA PRO F 87 9.87 -25.73 -5.43
C PRO F 87 10.34 -26.03 -4.01
N ASP F 88 11.66 -25.91 -3.74
CA ASP F 88 12.24 -26.19 -2.42
C ASP F 88 11.46 -25.54 -1.25
N ALA F 89 11.08 -24.26 -1.41
CA ALA F 89 10.36 -23.54 -0.36
C ALA F 89 9.06 -24.18 0.03
N ASP F 90 8.42 -24.93 -0.90
CA ASP F 90 7.14 -25.57 -0.63
C ASP F 90 7.26 -27.06 -0.27
N ALA F 91 8.47 -27.63 -0.34
CA ALA F 91 8.68 -29.05 -0.05
C ALA F 91 8.37 -29.44 1.42
N VAL F 92 8.89 -28.70 2.39
CA VAL F 92 8.71 -29.01 3.80
C VAL F 92 7.60 -28.15 4.42
N GLY F 93 6.75 -28.77 5.22
CA GLY F 93 5.63 -28.10 5.83
C GLY F 93 4.32 -28.42 5.16
N VAL F 94 3.29 -27.63 5.45
CA VAL F 94 1.96 -27.82 4.92
C VAL F 94 1.82 -27.51 3.44
N THR F 95 1.12 -28.40 2.75
CA THR F 95 0.61 -28.33 1.39
C THR F 95 -0.81 -29.00 1.39
N VAL F 96 -1.39 -29.33 0.22
CA VAL F 96 -2.71 -29.90 0.10
C VAL F 96 -2.70 -30.99 -0.99
N VAL F 97 -3.38 -32.10 -0.78
CA VAL F 97 -3.60 -33.12 -1.81
C VAL F 97 -5.12 -33.04 -2.11
N LEU F 98 -5.52 -33.15 -3.38
CA LEU F 98 -6.92 -33.09 -3.77
C LEU F 98 -7.36 -34.39 -4.40
N ILE F 99 -8.61 -34.81 -4.16
CA ILE F 99 -9.21 -35.99 -4.79
C ILE F 99 -10.45 -35.46 -5.45
N THR F 100 -10.50 -35.48 -6.77
CA THR F 100 -11.66 -34.93 -7.49
C THR F 100 -12.39 -36.00 -8.29
N CYS F 101 -13.71 -35.87 -8.41
CA CYS F 101 -14.48 -36.78 -9.25
C CYS F 101 -15.13 -35.97 -10.36
N THR F 102 -15.08 -36.51 -11.58
CA THR F 102 -15.52 -35.83 -12.78
C THR F 102 -16.49 -36.65 -13.64
N TYR F 103 -17.72 -36.16 -13.81
CA TYR F 103 -18.71 -36.86 -14.65
C TYR F 103 -18.96 -36.07 -15.93
N ARG F 104 -18.74 -36.70 -17.10
CA ARG F 104 -18.90 -36.07 -18.40
C ARG F 104 -18.05 -34.80 -18.54
N GLY F 105 -16.85 -34.81 -17.98
CA GLY F 105 -15.94 -33.68 -18.05
C GLY F 105 -16.21 -32.55 -17.06
N GLN F 106 -17.20 -32.74 -16.17
CA GLN F 106 -17.56 -31.72 -15.18
C GLN F 106 -17.21 -32.20 -13.78
N GLU F 107 -16.41 -31.40 -13.05
CA GLU F 107 -16.05 -31.77 -11.69
C GLU F 107 -17.21 -31.50 -10.76
N PHE F 108 -17.68 -32.53 -10.07
CA PHE F 108 -18.80 -32.37 -9.15
C PHE F 108 -18.41 -32.48 -7.68
N ILE F 109 -17.21 -33.00 -7.36
CA ILE F 109 -16.77 -33.09 -5.97
C ILE F 109 -15.26 -32.97 -5.88
N ARG F 110 -14.78 -32.23 -4.86
CA ARG F 110 -13.36 -32.03 -4.60
C ARG F 110 -13.15 -32.24 -3.10
N VAL F 111 -12.43 -33.30 -2.73
CA VAL F 111 -12.10 -33.59 -1.35
C VAL F 111 -10.65 -33.19 -1.16
N GLY F 112 -10.37 -32.25 -0.27
CA GLY F 112 -9.01 -31.79 -0.04
C GLY F 112 -8.48 -32.17 1.32
N TYR F 113 -7.17 -32.41 1.42
CA TYR F 113 -6.54 -32.76 2.67
C TYR F 113 -5.25 -31.97 2.83
N TYR F 114 -5.07 -31.29 3.97
CA TYR F 114 -3.82 -30.59 4.23
C TYR F 114 -2.80 -31.67 4.57
N VAL F 115 -1.61 -31.57 4.02
CA VAL F 115 -0.54 -32.56 4.17
C VAL F 115 0.65 -31.86 4.77
N ASN F 116 1.25 -32.39 5.85
CA ASN F 116 2.41 -31.76 6.45
C ASN F 116 3.62 -32.67 6.30
N ASN F 117 4.57 -32.30 5.42
CA ASN F 117 5.78 -33.07 5.20
C ASN F 117 6.81 -32.60 6.21
N GLU F 118 7.33 -33.54 6.98
CA GLU F 118 8.26 -33.22 8.07
C GLU F 118 9.39 -34.22 8.17
N TYR F 119 10.56 -33.75 8.58
CA TYR F 119 11.69 -34.66 8.79
C TYR F 119 11.45 -35.52 10.01
N THR F 120 12.02 -36.71 10.03
CA THR F 120 11.83 -37.64 11.13
C THR F 120 12.91 -37.50 12.19
N GLU F 121 14.11 -37.06 11.82
CA GLU F 121 15.17 -36.85 12.81
C GLU F 121 14.95 -35.48 13.45
N THR F 122 15.14 -35.39 14.77
CA THR F 122 14.97 -34.12 15.48
C THR F 122 15.90 -33.03 14.97
N GLU F 123 17.18 -33.35 14.75
CA GLU F 123 18.14 -32.38 14.23
C GLU F 123 17.71 -31.79 12.90
N LEU F 124 17.19 -32.63 11.99
CA LEU F 124 16.72 -32.15 10.70
C LEU F 124 15.44 -31.33 10.84
N ARG F 125 14.57 -31.66 11.80
CA ARG F 125 13.32 -30.92 12.02
C ARG F 125 13.65 -29.49 12.42
N GLU F 126 14.60 -29.34 13.34
CA GLU F 126 14.97 -28.04 13.87
C GLU F 126 15.94 -27.30 12.98
N ASN F 127 16.77 -28.01 12.23
CA ASN F 127 17.74 -27.40 11.32
C ASN F 127 17.61 -28.05 9.94
N PRO F 128 16.57 -27.70 9.17
CA PRO F 128 16.38 -28.34 7.87
C PRO F 128 17.49 -28.07 6.86
N PRO F 129 17.78 -29.09 6.01
CA PRO F 129 18.78 -28.89 4.96
C PRO F 129 18.43 -27.75 4.01
N VAL F 130 19.46 -27.18 3.36
CA VAL F 130 19.26 -26.08 2.41
C VAL F 130 18.43 -26.55 1.24
N LYS F 131 18.72 -27.74 0.73
CA LYS F 131 17.95 -28.35 -0.33
C LYS F 131 17.20 -29.50 0.33
N PRO F 132 15.87 -29.57 0.18
CA PRO F 132 15.10 -30.63 0.84
C PRO F 132 15.59 -32.03 0.51
N ASP F 133 15.52 -32.91 1.51
CA ASP F 133 15.92 -34.30 1.39
C ASP F 133 14.64 -35.12 1.47
N PHE F 134 14.00 -35.39 0.33
CA PHE F 134 12.74 -36.14 0.29
C PHE F 134 12.84 -37.56 0.82
N SER F 135 14.05 -38.12 0.84
CA SER F 135 14.26 -39.46 1.40
C SER F 135 14.19 -39.46 2.95
N LYS F 136 14.28 -38.28 3.59
CA LYS F 136 14.17 -38.17 5.03
C LYS F 136 12.83 -37.51 5.44
N LEU F 137 11.96 -37.11 4.48
CA LEU F 137 10.65 -36.49 4.77
C LEU F 137 9.56 -37.51 4.93
N GLN F 138 8.67 -37.27 5.89
CA GLN F 138 7.51 -38.08 6.24
C GLN F 138 6.27 -37.29 5.86
N ARG F 139 5.30 -37.92 5.22
CA ARG F 139 4.08 -37.25 4.83
C ARG F 139 3.05 -37.51 5.88
N ASN F 140 2.67 -36.47 6.64
CA ASN F 140 1.62 -36.61 7.65
C ASN F 140 0.34 -35.91 7.16
N ILE F 141 -0.63 -36.64 6.59
CA ILE F 141 -1.87 -36.04 6.12
C ILE F 141 -2.80 -35.72 7.30
N LEU F 142 -3.39 -34.53 7.32
CA LEU F 142 -4.27 -34.14 8.41
C LEU F 142 -5.67 -34.71 8.09
N ALA F 143 -5.80 -36.04 8.23
CA ALA F 143 -6.94 -36.84 7.85
C ALA F 143 -8.15 -36.72 8.74
N SER F 144 -8.01 -36.15 9.94
CA SER F 144 -9.19 -35.93 10.78
C SER F 144 -9.98 -34.69 10.30
N ASN F 145 -9.43 -33.86 9.40
CA ASN F 145 -10.09 -32.65 8.93
C ASN F 145 -10.13 -32.58 7.39
N PRO F 146 -10.95 -33.41 6.76
CA PRO F 146 -11.07 -33.34 5.31
C PRO F 146 -11.94 -32.16 4.89
N ARG F 147 -11.69 -31.67 3.67
CA ARG F 147 -12.43 -30.53 3.12
C ARG F 147 -13.25 -30.87 1.89
N VAL F 148 -14.55 -31.16 2.07
CA VAL F 148 -15.40 -31.56 0.96
C VAL F 148 -16.11 -30.36 0.33
N THR F 149 -16.00 -30.24 -0.99
CA THR F 149 -16.68 -29.18 -1.73
C THR F 149 -17.44 -29.84 -2.85
N ARG F 150 -18.74 -29.58 -2.96
CA ARG F 150 -19.57 -30.15 -4.02
C ARG F 150 -19.97 -29.04 -5.01
N PHE F 151 -20.07 -29.38 -6.29
CA PHE F 151 -20.41 -28.43 -7.34
C PHE F 151 -21.62 -28.91 -8.12
N HIS F 152 -22.47 -27.99 -8.56
CA HIS F 152 -23.63 -28.37 -9.35
C HIS F 152 -23.22 -28.61 -10.78
N ILE F 153 -23.48 -29.82 -11.30
CA ILE F 153 -23.14 -30.20 -12.67
C ILE F 153 -24.39 -30.73 -13.42
N ASN F 154 -24.31 -30.83 -14.75
CA ASN F 154 -25.40 -31.31 -15.60
C ASN F 154 -25.46 -32.84 -15.58
N TRP F 155 -26.50 -33.41 -14.94
CA TRP F 155 -26.69 -34.86 -14.88
C TRP F 155 -27.79 -35.34 -15.86
N GLU F 156 -28.06 -34.57 -16.93
CA GLU F 156 -29.08 -34.95 -17.91
C GLU F 156 -28.47 -35.60 -19.14
N ASP F 157 -29.14 -36.70 -19.62
CA ASP F 157 -28.76 -37.51 -20.79
C ASP F 157 -27.32 -38.04 -20.73
C ACE G 1 41.09 -9.35 -5.34
O ACE G 1 41.05 -10.28 -6.09
CH3 ACE G 1 40.31 -9.54 -4.04
N GLU G 2 42.13 -8.51 -5.42
CA GLU G 2 42.16 -7.24 -4.73
C GLU G 2 41.06 -6.32 -5.33
N LYS G 3 40.69 -6.49 -6.64
CA LYS G 3 39.60 -5.71 -7.24
C LYS G 3 38.32 -6.09 -6.54
N ALN G 4 38.06 -7.37 -6.29
CA ALN G 4 36.82 -7.74 -5.61
C ALN G 4 36.79 -7.22 -4.18
O ALN G 4 35.79 -6.70 -3.79
CB ALN G 4 36.64 -9.26 -5.62
CG1 ALN G 4 36.60 -9.84 -7.01
CD1 ALN G 4 37.75 -10.29 -7.62
CE1 ALN G 4 37.74 -10.85 -8.88
CD2 ALN G 4 35.36 -9.94 -7.71
CE2 ALN G 4 35.34 -10.52 -9.01
CZ1 ALN G 4 36.56 -10.96 -9.58
CG2 ALN G 4 34.13 -9.46 -7.18
CD3 ALN G 4 32.97 -9.57 -7.89
CE3 ALN G 4 32.95 -10.15 -9.15
CZ2 ALN G 4 34.11 -10.61 -9.71
N ALA G 5 37.89 -7.27 -3.43
CA ALA G 5 37.93 -6.74 -2.06
C ALA G 5 37.65 -5.22 -2.04
N ARG G 6 38.22 -4.48 -2.99
CA ARG G 6 38.05 -3.05 -3.08
C ARG G 6 36.62 -2.70 -3.45
N LEU G 7 36.02 -3.46 -4.38
CA LEU G 7 34.65 -3.22 -4.81
C LEU G 7 33.69 -3.54 -3.69
N ALA G 8 33.98 -4.58 -2.89
CA ALA G 8 33.14 -4.93 -1.75
C ALA G 8 33.18 -3.81 -0.70
N ARG G 9 34.37 -3.20 -0.46
CA ARG G 9 34.48 -2.10 0.48
C ARG G 9 33.68 -0.90 0.04
N ARG G 10 33.59 -0.68 -1.28
CA ARG G 10 32.85 0.45 -1.82
C ARG G 10 31.39 0.31 -1.59
N ILE G 11 30.84 -0.90 -1.78
CA ILE G 11 29.42 -1.17 -1.60
C ILE G 11 29.08 -1.06 -0.11
N ALA G 12 30.02 -1.36 0.80
CA ALA G 12 29.74 -1.28 2.23
C ALA G 12 29.74 0.17 2.68
N NH2 G 13 29.18 0.43 3.85
C ACE H 1 -13.93 -24.64 7.05
O ACE H 1 -13.14 -23.73 7.04
CH3 ACE H 1 -13.71 -25.79 6.18
N GLU H 2 -15.02 -24.61 7.82
CA GLU H 2 -15.28 -23.52 8.75
C GLU H 2 -14.30 -23.55 9.90
N LYS H 3 -13.77 -24.74 10.31
CA LYS H 3 -12.74 -24.81 11.36
C LYS H 3 -11.51 -24.08 10.85
N ALN H 4 -11.07 -24.29 9.62
CA ALN H 4 -9.88 -23.58 9.11
C ALN H 4 -10.11 -22.07 9.03
O ALN H 4 -9.27 -21.32 9.45
CB ALN H 4 -9.46 -24.11 7.75
CG1 ALN H 4 -9.11 -25.57 7.78
CD1 ALN H 4 -10.06 -26.52 7.48
CE1 ALN H 4 -9.79 -27.88 7.57
CD2 ALN H 4 -7.78 -26.00 8.16
CE2 ALN H 4 -7.51 -27.40 8.22
CZ1 ALN H 4 -8.55 -28.32 7.94
CG2 ALN H 4 -6.73 -25.11 8.47
CD3 ALN H 4 -5.49 -25.56 8.79
CE3 ALN H 4 -5.22 -26.92 8.84
CZ2 ALN H 4 -6.20 -27.83 8.57
N ALA H 5 -11.29 -21.62 8.60
CA ALA H 5 -11.55 -20.19 8.51
C ALA H 5 -11.56 -19.56 9.89
N ARG H 6 -12.13 -20.26 10.89
CA ARG H 6 -12.19 -19.77 12.26
C ARG H 6 -10.82 -19.71 12.88
N LEU H 7 -9.98 -20.73 12.63
CA LEU H 7 -8.62 -20.78 13.16
C LEU H 7 -7.78 -19.67 12.55
N ALA H 8 -7.98 -19.36 11.27
CA ALA H 8 -7.28 -18.27 10.61
C ALA H 8 -7.65 -16.94 11.27
N ARG H 9 -8.94 -16.75 11.62
CA ARG H 9 -9.39 -15.53 12.27
C ARG H 9 -8.83 -15.39 13.68
N ARG H 10 -8.49 -16.50 14.34
CA ARG H 10 -7.92 -16.47 15.68
C ARG H 10 -6.48 -16.04 15.66
N ILE H 11 -5.72 -16.48 14.66
CA ILE H 11 -4.33 -16.07 14.50
C ILE H 11 -4.37 -14.56 14.05
N ALA H 12 -5.54 -14.04 13.63
CA ALA H 12 -5.67 -12.63 13.18
C ALA H 12 -6.03 -11.65 14.30
N NH2 H 13 -6.51 -12.18 15.41
C ACE I 1 6.80 22.08 13.34
O ACE I 1 6.33 21.28 12.60
CH3 ACE I 1 6.79 23.51 13.00
N GLU I 2 7.37 21.72 14.49
CA GLU I 2 7.42 20.33 14.93
C GLU I 2 6.06 19.80 15.25
N LYS I 3 5.10 20.65 15.73
CA LYS I 3 3.75 20.16 15.99
C LYS I 3 3.12 19.72 14.66
N ALN I 4 3.27 20.50 13.59
CA ALN I 4 2.72 20.11 12.30
C ALN I 4 3.32 18.83 11.77
O ALN I 4 2.57 17.98 11.35
CB ALN I 4 2.87 21.26 11.31
CG1 ALN I 4 2.14 22.51 11.71
CD1 ALN I 4 2.77 23.49 12.45
CE1 ALN I 4 2.09 24.61 12.91
CD2 ALN I 4 0.75 22.67 11.39
CE2 ALN I 4 0.06 23.82 11.86
CZ1 ALN I 4 0.77 24.78 12.64
CG2 ALN I 4 0.01 21.73 10.63
CD3 ALN I 4 -1.32 21.90 10.37
CE3 ALN I 4 -1.97 23.01 10.83
CZ2 ALN I 4 -1.32 23.96 11.55
N ALA I 5 4.64 18.61 11.82
CA ALA I 5 5.20 17.34 11.31
C ALA I 5 4.81 16.16 12.18
N ARG I 6 4.70 16.35 13.52
CA ARG I 6 4.25 15.27 14.39
C ARG I 6 2.81 14.89 14.10
N LEU I 7 1.96 15.89 13.83
CA LEU I 7 0.56 15.66 13.50
C LEU I 7 0.47 14.98 12.16
N ALA I 8 1.34 15.30 11.20
CA ALA I 8 1.37 14.67 9.88
C ALA I 8 1.69 13.19 10.05
N ARG I 9 2.62 12.85 10.93
CA ARG I 9 3.03 11.48 11.26
C ARG I 9 1.89 10.68 11.85
N ARG I 10 0.99 11.33 12.58
CA ARG I 10 -0.14 10.67 13.21
C ARG I 10 -1.22 10.33 12.23
N ILE I 11 -1.49 11.24 11.28
CA ILE I 11 -2.50 11.02 10.25
C ILE I 11 -2.01 9.96 9.28
N ALA I 12 -0.71 9.84 9.03
CA ALA I 12 -0.19 8.78 8.16
C ALA I 12 -0.26 7.41 8.83
N NH2 I 13 -0.63 7.38 10.10
C ACE J 1 -0.73 -16.51 4.47
O ACE J 1 -1.83 -17.03 4.30
CH3 ACE J 1 -0.18 -16.37 5.84
N GLU J 2 -0.01 -16.07 3.44
CA GLU J 2 -0.47 -16.18 2.08
C GLU J 2 -0.50 -17.59 1.60
N LYS J 3 0.40 -18.48 2.11
CA LYS J 3 0.39 -19.90 1.75
C LYS J 3 -0.93 -20.50 2.21
N ALN J 4 -1.40 -20.20 3.42
CA ALN J 4 -2.69 -20.74 3.91
C ALN J 4 -3.85 -20.25 3.08
O ALN J 4 -4.66 -21.02 2.69
CB ALN J 4 -2.91 -20.39 5.38
CG1 ALN J 4 -1.82 -20.92 6.29
CD1 ALN J 4 -0.74 -20.14 6.63
CE1 ALN J 4 0.30 -20.63 7.41
CD2 ALN J 4 -1.87 -22.27 6.76
CE2 ALN J 4 -0.79 -22.76 7.56
CZ1 ALN J 4 0.29 -21.91 7.86
CG2 ALN J 4 -2.92 -23.18 6.44
CD3 ALN J 4 -2.90 -24.47 6.88
CE3 ALN J 4 -1.86 -24.94 7.65
CZ2 ALN J 4 -0.81 -24.11 7.99
N ALA J 5 -3.89 -18.96 2.73
CA ALA J 5 -4.98 -18.43 1.91
C ALA J 5 -5.01 -19.07 0.52
N ARG J 6 -3.82 -19.27 -0.08
CA ARG J 6 -3.72 -19.87 -1.40
C ARG J 6 -4.13 -21.33 -1.37
N LEU J 7 -3.73 -22.08 -0.32
CA LEU J 7 -4.08 -23.48 -0.18
C LEU J 7 -5.58 -23.62 0.03
N ALA J 8 -6.20 -22.71 0.78
CA ALA J 8 -7.62 -22.73 1.01
C ALA J 8 -8.36 -22.51 -0.29
N ARG J 9 -7.88 -21.60 -1.17
CA ARG J 9 -8.53 -21.36 -2.46
C ARG J 9 -8.44 -22.57 -3.36
N ARG J 10 -7.37 -23.37 -3.23
CA ARG J 10 -7.20 -24.55 -4.05
C ARG J 10 -8.18 -25.63 -3.66
N ILE J 11 -8.44 -25.80 -2.36
CA ILE J 11 -9.38 -26.81 -1.89
C ILE J 11 -10.81 -26.38 -2.25
N ALA J 12 -11.09 -25.09 -2.35
CA ALA J 12 -12.44 -24.62 -2.68
C ALA J 12 -12.67 -24.80 -4.18
N NH2 J 13 -13.94 -24.76 -4.59
C ACE K 1 -0.31 16.08 1.06
O ACE K 1 0.50 16.65 1.74
CH3 ACE K 1 -1.35 15.23 1.68
N GLU K 2 -0.30 16.19 -0.27
CA GLU K 2 0.71 16.99 -0.97
C GLU K 2 0.56 18.46 -0.69
N LYS K 3 -0.68 18.94 -0.47
CA LYS K 3 -0.91 20.36 -0.16
C LYS K 3 -0.26 20.64 1.15
N ALN K 4 -0.39 19.77 2.16
CA ALN K 4 0.25 20.03 3.46
C ALN K 4 1.76 20.04 3.36
O ALN K 4 2.37 20.93 3.85
CB ALN K 4 -0.20 19.01 4.52
CG1 ALN K 4 -1.71 19.01 4.72
CD1 ALN K 4 -2.53 18.16 4.00
CE1 ALN K 4 -3.91 18.18 4.12
CD2 ALN K 4 -2.32 19.94 5.63
CE2 ALN K 4 -3.73 19.94 5.77
CZ1 ALN K 4 -4.51 19.04 4.99
CG2 ALN K 4 -1.58 20.93 6.34
CD3 ALN K 4 -2.21 21.85 7.12
CE3 ALN K 4 -3.58 21.83 7.26
CZ2 ALN K 4 -4.35 20.90 6.61
N ALA K 5 2.36 19.09 2.63
CA ALA K 5 3.80 19.06 2.47
C ALA K 5 4.32 20.34 1.75
N ARG K 6 3.61 20.78 0.72
CA ARG K 6 3.99 21.98 -0.01
C ARG K 6 3.85 23.25 0.84
N LEU K 7 2.77 23.36 1.67
CA LEU K 7 2.55 24.53 2.53
C LEU K 7 3.55 24.58 3.64
N ALA K 8 4.04 23.42 4.10
CA ALA K 8 5.07 23.35 5.12
C ALA K 8 6.40 23.86 4.53
N ARG K 9 6.70 23.51 3.28
CA ARG K 9 7.90 23.96 2.59
C ARG K 9 7.88 25.49 2.35
N ARG K 10 6.70 26.07 2.21
CA ARG K 10 6.60 27.50 2.00
C ARG K 10 6.89 28.27 3.24
N ILE K 11 6.45 27.75 4.39
CA ILE K 11 6.70 28.40 5.67
C ILE K 11 8.18 28.26 6.04
N ALA K 12 8.87 27.23 5.55
CA ALA K 12 10.29 27.05 5.87
C ALA K 12 11.11 28.04 5.05
N NH2 K 13 12.35 28.26 5.47
C ACE L 1 -29.17 14.09 -31.38
O ACE L 1 -28.67 13.58 -30.42
CH3 ACE L 1 -29.26 15.55 -31.45
N GLU L 2 -29.66 13.36 -32.39
CA GLU L 2 -29.62 11.90 -32.34
C GLU L 2 -28.20 11.39 -32.56
N LYS L 3 -27.32 12.14 -33.25
CA LYS L 3 -25.91 11.71 -33.39
C LYS L 3 -25.28 11.74 -32.01
N ALN L 4 -25.52 12.78 -31.21
CA ALN L 4 -24.93 12.83 -29.87
C ALN L 4 -25.49 11.73 -28.97
O ALN L 4 -24.72 11.09 -28.32
CB ALN L 4 -25.17 14.20 -29.23
CG1 ALN L 4 -24.57 15.32 -30.02
CD1 ALN L 4 -25.33 16.02 -30.92
CE1 ALN L 4 -24.80 17.05 -31.68
CD2 ALN L 4 -23.19 15.67 -29.86
CE2 ALN L 4 -22.65 16.73 -30.65
CZ1 ALN L 4 -23.49 17.40 -31.56
CG2 ALN L 4 -22.32 15.03 -28.93
CD3 ALN L 4 -21.02 15.43 -28.77
CE3 ALN L 4 -20.51 16.47 -29.52
CZ2 ALN L 4 -21.29 17.10 -30.45
N ALA L 5 -26.78 11.43 -29.02
CA ALA L 5 -27.35 10.35 -28.21
C ALA L 5 -26.76 9.01 -28.60
N ARG L 6 -26.57 8.75 -29.91
CA ARG L 6 -26.02 7.50 -30.40
C ARG L 6 -24.57 7.36 -29.99
N LEU L 7 -23.79 8.46 -30.06
CA LEU L 7 -22.38 8.45 -29.69
C LEU L 7 -22.23 8.23 -28.20
N ALA L 8 -23.14 8.78 -27.39
CA ALA L 8 -23.12 8.60 -25.95
C ALA L 8 -23.38 7.15 -25.61
N ARG L 9 -24.33 6.48 -26.32
CA ARG L 9 -24.62 5.06 -26.10
C ARG L 9 -23.43 4.17 -26.45
N ARG L 10 -22.63 4.58 -27.43
CA ARG L 10 -21.46 3.82 -27.83
C ARG L 10 -20.41 3.84 -26.78
N ILE L 11 -20.19 5.01 -26.16
CA ILE L 11 -19.18 5.15 -25.10
C ILE L 11 -19.65 4.42 -23.83
N ALA L 12 -20.95 4.26 -23.62
CA ALA L 12 -21.44 3.57 -22.43
C ALA L 12 -21.35 2.06 -22.63
N NH2 L 13 -21.49 1.31 -21.54
C1 GOL M . 16.07 -2.41 -0.95
O1 GOL M . 15.77 -2.83 0.38
C2 GOL M . 16.32 -3.62 -1.83
O2 GOL M . 15.23 -4.53 -1.73
C3 GOL M . 16.62 -3.29 -3.28
O3 GOL M . 16.26 -4.36 -4.15
C1 GOL N . 8.25 15.01 -4.22
O1 GOL N . 8.53 16.15 -5.03
C2 GOL N . 8.02 13.77 -5.05
O2 GOL N . 8.94 13.73 -6.16
C3 GOL N . 8.08 12.47 -4.24
O3 GOL N . 8.15 11.33 -5.10
C1 GOL O . 3.70 1.72 -5.45
O1 GOL O . 3.96 1.52 -4.07
C2 GOL O . 2.75 2.87 -5.68
O2 GOL O . 2.33 2.88 -7.05
C3 GOL O . 3.35 4.19 -5.27
O3 GOL O . 2.42 5.27 -5.42
C1 GOL P . 21.59 7.42 15.34
O1 GOL P . 21.99 6.42 16.28
C2 GOL P . 22.64 8.50 15.17
O2 GOL P . 22.51 9.51 16.18
C3 GOL P . 24.07 7.96 15.12
O3 GOL P . 24.97 8.87 14.49
C1 GOL Q . 22.04 0.37 10.42
O1 GOL Q . 22.34 -0.82 11.13
C2 GOL Q . 20.61 0.40 9.93
O2 GOL Q . 20.07 -0.93 9.91
C3 GOL Q . 19.72 1.34 10.71
O3 GOL Q . 18.40 1.40 10.20
C1 GOL R . 28.67 9.49 -26.98
O1 GOL R . 29.33 9.48 -28.24
C2 GOL R . 27.37 8.71 -27.05
O2 GOL R . 27.59 7.45 -27.68
C3 GOL R . 26.70 8.55 -25.71
O3 GOL R . 26.25 9.80 -25.20
C1 GOL S . -25.77 16.03 5.88
O1 GOL S . -26.80 16.53 6.73
C2 GOL S . -25.69 16.76 4.55
O2 GOL S . -25.42 18.16 4.73
C3 GOL S . -24.66 16.16 3.63
O3 GOL S . -24.48 16.94 2.45
C1 GOL T . -13.68 12.67 1.42
O1 GOL T . -14.47 13.39 2.37
C2 GOL T . -13.41 11.26 1.91
O2 GOL T . -12.87 11.34 3.23
C3 GOL T . -12.48 10.49 0.99
O3 GOL T . -12.66 9.08 1.08
C1 GOL U . -25.10 -1.67 8.86
O1 GOL U . -26.11 -1.86 9.86
C2 GOL U . -25.31 -0.39 8.06
O2 GOL U . -24.25 -0.20 7.13
C3 GOL U . -25.45 0.84 8.92
O3 GOL U . -25.61 2.00 8.11
C1 GOL V . -8.55 7.46 -15.87
O1 GOL V . -9.34 6.28 -15.86
C2 GOL V . -8.69 8.27 -17.15
O2 GOL V . -8.44 7.46 -18.29
C3 GOL V . -7.81 9.49 -17.17
O3 GOL V . -7.28 9.76 -18.47
C1 GOL W . 5.59 35.10 18.33
O1 GOL W . 4.34 35.09 17.69
C2 GOL W . 6.73 34.98 17.33
O2 GOL W . 6.46 35.82 16.19
C3 GOL W . 8.08 35.32 17.92
O3 GOL W . 9.10 35.33 16.92
C1 GOL X . -0.68 2.48 10.38
O1 GOL X . -1.69 1.50 10.65
C2 GOL X . -0.70 3.64 11.36
O2 GOL X . -0.79 3.15 12.69
C3 GOL X . 0.53 4.53 11.23
O3 GOL X . 0.76 5.30 12.41
C1 GOL Y . 2.18 -3.75 10.55
O1 GOL Y . 0.78 -3.62 10.77
C2 GOL Y . 2.94 -3.79 11.86
O2 GOL Y . 2.29 -2.99 12.84
C3 GOL Y . 4.39 -3.37 11.73
O3 GOL Y . 5.17 -4.39 11.11
C1 GOL Z . 9.08 -16.87 13.74
O1 GOL Z . 9.83 -17.89 13.10
C2 GOL Z . 9.10 -15.60 12.93
O2 GOL Z . 8.31 -15.77 11.74
C3 GOL Z . 8.61 -14.38 13.71
O3 GOL Z . 8.73 -13.19 12.93
C1 GOL AA . -17.44 -36.57 4.14
O1 GOL AA . -18.83 -36.51 3.76
C2 GOL AA . -16.67 -37.52 3.25
O2 GOL AA . -16.94 -37.23 1.87
C3 GOL AA . -15.17 -37.49 3.50
O3 GOL AA . -14.82 -38.18 4.69
#